data_1SBB
#
_entry.id   1SBB
#
_cell.length_a   71.200
_cell.length_b   83.650
_cell.length_c   82.980
_cell.angle_alpha   90.00
_cell.angle_beta   93.04
_cell.angle_gamma   90.00
#
_symmetry.space_group_name_H-M   'P 1 21 1'
#
loop_
_entity.id
_entity.type
_entity.pdbx_description
1 polymer 'PROTEIN (14.3.D T CELL ANTIGEN RECEPTOR)'
2 polymer 'PROTEIN (STAPHYLOCOCCAL ENTEROTOXIN B)'
3 water water
#
loop_
_entity_poly.entity_id
_entity_poly.type
_entity_poly.pdbx_seq_one_letter_code
_entity_poly.pdbx_strand_id
1 'polypeptide(L)'
;AVTQSPRNKVAVTGGKVTLSCQQTNNHNNMYWYRQDTGHGLRLIHYSYGAGSTEKGDIPDGYKASRPSQEQFSLILELAT
PSQTSVYFCASGGGRGSYAEQFFGPGTRLTVLEDLRQVTPPKVSLFEPSKAEIANKQKATLVCLARGFFPDHVELSWWVN
GKEVHSGVSTDPQAYKESNYSYCLSSRLRVSATFWHNPRNHFRCQVQFHGLSEEDKWPEGSPKPVTQNISAEAWGRAD
;
A,C
2 'polypeptide(L)'
;ESQPDPKPDELHKSSKFTGLMENMKVLYDDNHVSAINVKSIDQFLYFDLIYSIKDTKLGNYDNVRVEFKNKDLADKYKDK
YVDVFGANYYYQCYFSKKTNDINSHQTDKRKTCMYGGVTEHNGNQLDKYRSITVRVFEDGKNLLSFDVQTNKKKVTAQEL
DYLTRHYLVKNKKLYEFNNSPYETGYIKFIENENSFWYDMMPAPGDKFDQSKYLMMYNDNKMVDSKDVKIEVYLTTKKK
;
B,D
#
# COMPACT_ATOMS: atom_id res chain seq x y z
N ALA A 1 -14.66 4.01 6.80
CA ALA A 1 -13.41 4.37 7.52
C ALA A 1 -12.75 3.10 8.04
N VAL A 2 -11.43 3.15 8.23
CA VAL A 2 -10.67 2.02 8.74
C VAL A 2 -9.99 2.47 10.02
N THR A 3 -10.31 1.81 11.13
CA THR A 3 -9.74 2.13 12.43
C THR A 3 -8.78 1.03 12.90
N GLN A 4 -7.70 1.42 13.58
CA GLN A 4 -6.72 0.46 14.07
C GLN A 4 -6.55 0.62 15.57
N SER A 5 -6.49 -0.50 16.27
CA SER A 5 -6.34 -0.48 17.71
C SER A 5 -5.36 -1.54 18.19
N PRO A 6 -4.31 -1.13 18.92
CA PRO A 6 -4.05 0.27 19.27
C PRO A 6 -3.29 1.00 18.14
N ARG A 7 -2.95 2.27 18.37
CA ARG A 7 -2.21 3.07 17.39
C ARG A 7 -0.71 2.99 17.64
N ASN A 8 -0.36 2.65 18.88
CA ASN A 8 1.03 2.53 19.28
C ASN A 8 1.09 1.42 20.32
N LYS A 9 2.20 0.68 20.32
CA LYS A 9 2.36 -0.42 21.26
C LYS A 9 3.81 -0.85 21.40
N VAL A 10 4.25 -0.98 22.65
CA VAL A 10 5.60 -1.42 22.94
C VAL A 10 5.40 -2.68 23.77
N ALA A 11 5.99 -3.78 23.31
CA ALA A 11 5.84 -5.04 24.01
C ALA A 11 7.17 -5.71 24.27
N VAL A 12 7.16 -6.73 25.14
CA VAL A 12 8.36 -7.47 25.47
C VAL A 12 8.39 -8.73 24.64
N THR A 13 9.58 -9.28 24.43
CA THR A 13 9.77 -10.50 23.67
C THR A 13 9.01 -11.64 24.34
N GLY A 14 8.40 -12.51 23.55
CA GLY A 14 7.67 -13.64 24.10
C GLY A 14 6.22 -13.33 24.45
N GLY A 15 5.89 -12.04 24.51
CA GLY A 15 4.53 -11.66 24.84
C GLY A 15 3.61 -11.75 23.65
N LYS A 16 2.31 -11.77 23.92
CA LYS A 16 1.29 -11.84 22.88
C LYS A 16 0.72 -10.45 22.60
N VAL A 17 0.69 -10.07 21.33
CA VAL A 17 0.17 -8.77 20.91
C VAL A 17 -0.96 -8.97 19.91
N THR A 18 -2.02 -8.19 20.04
CA THR A 18 -3.16 -8.29 19.15
C THR A 18 -3.57 -6.91 18.64
N LEU A 19 -3.54 -6.76 17.32
CA LEU A 19 -3.91 -5.52 16.67
C LEU A 19 -5.28 -5.72 16.04
N SER A 20 -6.24 -4.86 16.38
CA SER A 20 -7.59 -4.95 15.84
C SER A 20 -7.83 -3.92 14.73
N CYS A 21 -8.75 -4.24 13.83
CA CYS A 21 -9.08 -3.35 12.74
C CYS A 21 -10.58 -3.35 12.51
N GLN A 22 -11.15 -2.16 12.44
CA GLN A 22 -12.56 -1.98 12.24
C GLN A 22 -12.82 -1.17 10.99
N GLN A 23 -13.74 -1.63 10.15
CA GLN A 23 -14.07 -0.92 8.93
C GLN A 23 -15.56 -0.59 8.96
N THR A 24 -15.94 0.46 8.26
CA THR A 24 -17.34 0.87 8.19
C THR A 24 -17.72 0.94 6.71
N ASN A 25 -16.90 0.31 5.87
CA ASN A 25 -17.12 0.32 4.44
C ASN A 25 -17.94 -0.86 3.95
N ASN A 26 -18.17 -1.84 4.83
CA ASN A 26 -18.93 -3.03 4.46
C ASN A 26 -18.20 -3.77 3.31
N HIS A 27 -16.88 -3.72 3.35
CA HIS A 27 -16.03 -4.37 2.34
C HIS A 27 -15.82 -5.82 2.73
N ASN A 28 -15.81 -6.69 1.73
CA ASN A 28 -15.59 -8.13 1.96
C ASN A 28 -14.16 -8.44 2.37
N ASN A 29 -13.20 -7.91 1.61
CA ASN A 29 -11.80 -8.14 1.91
C ASN A 29 -11.20 -7.17 2.91
N MET A 30 -10.25 -7.68 3.69
CA MET A 30 -9.53 -6.92 4.68
C MET A 30 -8.10 -7.44 4.67
N TYR A 31 -7.14 -6.55 4.90
CA TYR A 31 -5.72 -6.91 4.87
C TYR A 31 -4.90 -6.41 6.06
N TRP A 32 -3.78 -7.08 6.31
CA TRP A 32 -2.87 -6.71 7.38
C TRP A 32 -1.48 -6.70 6.78
N TYR A 33 -0.88 -5.50 6.73
CA TYR A 33 0.46 -5.33 6.18
C TYR A 33 1.41 -4.82 7.25
N ARG A 34 2.69 -4.76 6.88
CA ARG A 34 3.74 -4.25 7.73
C ARG A 34 4.73 -3.53 6.81
N GLN A 35 5.00 -2.27 7.16
CA GLN A 35 5.90 -1.39 6.43
C GLN A 35 7.26 -1.34 7.13
N ASP A 36 8.33 -1.52 6.36
CA ASP A 36 9.67 -1.47 6.94
C ASP A 36 10.59 -0.67 6.05
N THR A 37 11.32 0.27 6.64
CA THR A 37 12.24 1.11 5.89
C THR A 37 13.29 0.19 5.27
N GLY A 38 13.20 0.00 3.97
CA GLY A 38 14.14 -0.84 3.26
C GLY A 38 13.31 -1.73 2.37
N HIS A 39 12.43 -2.50 3.01
CA HIS A 39 11.52 -3.40 2.31
C HIS A 39 10.32 -2.50 2.04
N GLY A 40 9.31 -3.02 1.40
CA GLY A 40 8.17 -2.17 1.15
C GLY A 40 7.06 -2.41 2.14
N LEU A 41 5.88 -2.57 1.58
CA LEU A 41 4.67 -2.82 2.29
C LEU A 41 4.42 -4.29 1.98
N ARG A 42 4.50 -5.14 2.99
CA ARG A 42 4.30 -6.58 2.80
C ARG A 42 3.03 -7.12 3.44
N LEU A 43 2.30 -7.94 2.68
CA LEU A 43 1.07 -8.54 3.16
C LEU A 43 1.36 -9.72 4.09
N ILE A 44 0.75 -9.68 5.28
CA ILE A 44 0.93 -10.72 6.28
C ILE A 44 -0.15 -11.78 6.15
N HIS A 45 -1.40 -11.34 6.25
CA HIS A 45 -2.58 -12.22 6.15
C HIS A 45 -3.71 -11.36 5.59
N TYR A 46 -4.64 -11.98 4.87
CA TYR A 46 -5.77 -11.25 4.32
C TYR A 46 -7.06 -12.06 4.47
N SER A 47 -8.20 -11.45 4.11
CA SER A 47 -9.47 -12.13 4.23
C SER A 47 -10.43 -11.85 3.08
N TYR A 48 -11.23 -12.87 2.74
CA TYR A 48 -12.22 -12.79 1.66
C TYR A 48 -13.64 -12.49 2.17
N GLY A 49 -13.86 -12.71 3.47
CA GLY A 49 -15.16 -12.47 4.08
C GLY A 49 -15.08 -13.03 5.47
N ALA A 50 -16.13 -12.89 6.26
CA ALA A 50 -16.14 -13.42 7.63
C ALA A 50 -15.77 -14.91 7.62
N GLY A 51 -14.92 -15.30 8.56
CA GLY A 51 -14.49 -16.68 8.65
C GLY A 51 -13.35 -17.06 7.71
N SER A 52 -12.88 -16.13 6.89
CA SER A 52 -11.79 -16.39 5.96
C SER A 52 -10.47 -15.73 6.39
N THR A 53 -9.38 -16.45 6.25
CA THR A 53 -8.06 -15.94 6.61
C THR A 53 -7.04 -16.62 5.73
N GLU A 54 -6.59 -15.90 4.71
CA GLU A 54 -5.61 -16.41 3.78
C GLU A 54 -4.24 -15.81 4.18
N LYS A 55 -3.16 -16.45 3.77
CA LYS A 55 -1.83 -15.92 4.09
C LYS A 55 -1.23 -15.12 2.95
N GLY A 56 -0.50 -14.07 3.29
CA GLY A 56 0.13 -13.23 2.30
C GLY A 56 1.59 -13.55 2.08
N ASP A 57 2.37 -12.51 1.80
CA ASP A 57 3.79 -12.66 1.55
C ASP A 57 4.56 -13.21 2.74
N ILE A 58 4.35 -12.59 3.90
CA ILE A 58 5.04 -12.98 5.13
C ILE A 58 4.18 -13.40 6.34
N PRO A 59 3.52 -14.57 6.26
CA PRO A 59 2.67 -15.05 7.36
C PRO A 59 3.40 -15.60 8.60
N ASP A 60 4.63 -16.08 8.43
CA ASP A 60 5.41 -16.65 9.54
C ASP A 60 5.52 -15.80 10.78
N GLY A 61 5.01 -16.34 11.89
CA GLY A 61 5.06 -15.63 13.14
C GLY A 61 3.80 -14.85 13.49
N TYR A 62 2.78 -14.91 12.63
CA TYR A 62 1.54 -14.20 12.88
C TYR A 62 0.30 -15.05 12.62
N LYS A 63 -0.78 -14.71 13.32
CA LYS A 63 -2.05 -15.40 13.17
C LYS A 63 -3.04 -14.27 12.92
N ALA A 64 -4.26 -14.61 12.55
CA ALA A 64 -5.28 -13.61 12.28
C ALA A 64 -6.66 -14.20 12.47
N SER A 65 -7.66 -13.33 12.40
CA SER A 65 -9.06 -13.72 12.57
C SER A 65 -10.03 -12.66 12.05
N ARG A 66 -10.97 -13.09 11.21
CA ARG A 66 -12.00 -12.22 10.64
C ARG A 66 -13.33 -12.70 11.21
N PRO A 67 -13.60 -12.38 12.48
CA PRO A 67 -14.84 -12.78 13.15
C PRO A 67 -16.10 -12.18 12.55
N SER A 68 -15.96 -11.10 11.81
CA SER A 68 -17.10 -10.46 11.20
C SER A 68 -16.69 -9.67 9.98
N GLN A 69 -17.66 -9.00 9.39
CA GLN A 69 -17.42 -8.19 8.21
C GLN A 69 -16.60 -6.94 8.56
N GLU A 70 -16.78 -6.41 9.76
CA GLU A 70 -16.07 -5.21 10.19
C GLU A 70 -14.78 -5.41 10.99
N GLN A 71 -14.46 -6.65 11.38
CA GLN A 71 -13.25 -6.89 12.18
C GLN A 71 -12.26 -7.92 11.62
N PHE A 72 -10.97 -7.54 11.65
CA PHE A 72 -9.88 -8.40 11.17
C PHE A 72 -8.71 -8.14 12.13
N SER A 73 -8.42 -9.10 12.98
CA SER A 73 -7.35 -8.98 13.96
C SER A 73 -6.06 -9.67 13.57
N LEU A 74 -4.93 -9.11 14.02
CA LEU A 74 -3.60 -9.66 13.74
C LEU A 74 -3.11 -10.10 15.12
N ILE A 75 -2.59 -11.31 15.20
CA ILE A 75 -2.13 -11.83 16.47
C ILE A 75 -0.69 -12.32 16.49
N LEU A 76 0.04 -11.87 17.49
CA LEU A 76 1.43 -12.25 17.68
C LEU A 76 1.45 -12.93 19.05
N GLU A 77 1.56 -14.25 19.05
CA GLU A 77 1.59 -15.01 20.29
C GLU A 77 2.95 -15.04 20.97
N LEU A 78 4.00 -15.03 20.17
CA LEU A 78 5.36 -15.05 20.69
C LEU A 78 6.10 -13.89 20.03
N ALA A 79 5.86 -12.68 20.54
CA ALA A 79 6.47 -11.48 20.02
C ALA A 79 7.98 -11.53 20.00
N THR A 80 8.56 -11.14 18.87
CA THR A 80 10.01 -11.11 18.70
C THR A 80 10.41 -9.72 18.22
N PRO A 81 11.67 -9.30 18.48
CA PRO A 81 12.17 -7.98 18.06
C PRO A 81 11.88 -7.74 16.59
N SER A 82 11.99 -8.82 15.83
CA SER A 82 11.79 -8.85 14.41
C SER A 82 10.40 -8.39 13.96
N GLN A 83 9.46 -8.33 14.89
CA GLN A 83 8.11 -7.92 14.57
C GLN A 83 7.86 -6.45 14.81
N THR A 84 8.93 -5.72 15.08
CA THR A 84 8.81 -4.28 15.31
C THR A 84 8.61 -3.68 13.92
N SER A 85 7.58 -2.85 13.78
CA SER A 85 7.28 -2.23 12.49
C SER A 85 6.02 -1.40 12.59
N VAL A 86 5.60 -0.84 11.46
CA VAL A 86 4.39 -0.04 11.41
C VAL A 86 3.41 -0.93 10.68
N TYR A 87 2.29 -1.26 11.33
CA TYR A 87 1.28 -2.12 10.75
C TYR A 87 0.13 -1.34 10.14
N PHE A 88 -0.24 -1.71 8.91
CA PHE A 88 -1.34 -1.05 8.22
C PHE A 88 -2.46 -2.01 7.91
N CYS A 89 -3.68 -1.55 8.14
CA CYS A 89 -4.85 -2.35 7.87
C CYS A 89 -5.43 -1.73 6.64
N ALA A 90 -6.32 -2.44 5.97
CA ALA A 90 -6.95 -1.93 4.77
C ALA A 90 -8.15 -2.79 4.50
N SER A 91 -9.06 -2.28 3.67
CA SER A 91 -10.26 -3.02 3.32
C SER A 91 -10.66 -2.57 1.93
N GLY A 92 -11.45 -3.39 1.24
CA GLY A 92 -11.88 -3.02 -0.09
C GLY A 92 -11.75 -4.06 -1.17
N GLY A 93 -11.15 -3.62 -2.28
CA GLY A 93 -10.94 -4.47 -3.43
C GLY A 93 -10.05 -5.64 -3.20
N GLY A 94 -9.68 -6.30 -4.29
CA GLY A 94 -8.83 -7.48 -4.22
C GLY A 94 -7.37 -7.32 -3.86
N ARG A 95 -6.70 -8.46 -3.72
CA ARG A 95 -5.29 -8.50 -3.37
C ARG A 95 -4.48 -7.91 -4.53
N GLY A 96 -3.52 -7.04 -4.19
CA GLY A 96 -2.67 -6.41 -5.19
C GLY A 96 -3.37 -5.26 -5.89
N SER A 97 -4.67 -5.14 -5.69
CA SER A 97 -5.46 -4.07 -6.31
C SER A 97 -5.54 -2.87 -5.36
N TYR A 98 -4.44 -2.14 -5.27
CA TYR A 98 -4.35 -0.98 -4.39
C TYR A 98 -5.32 0.18 -4.67
N ALA A 99 -5.74 0.32 -5.91
CA ALA A 99 -6.66 1.39 -6.27
C ALA A 99 -8.03 1.16 -5.64
N GLU A 100 -8.28 -0.06 -5.17
CA GLU A 100 -9.56 -0.43 -4.56
C GLU A 100 -9.52 -0.50 -3.04
N GLN A 101 -8.33 -0.61 -2.48
CA GLN A 101 -8.15 -0.69 -1.03
C GLN A 101 -8.17 0.65 -0.30
N PHE A 102 -8.63 0.61 0.95
CA PHE A 102 -8.70 1.79 1.80
C PHE A 102 -7.85 1.51 3.02
N PHE A 103 -6.74 2.22 3.15
CA PHE A 103 -5.84 2.00 4.26
C PHE A 103 -6.20 2.66 5.56
N GLY A 104 -5.64 2.12 6.63
CA GLY A 104 -5.89 2.64 7.96
C GLY A 104 -4.71 3.51 8.31
N PRO A 105 -4.76 4.22 9.44
CA PRO A 105 -3.70 5.11 9.91
C PRO A 105 -2.35 4.48 10.33
N GLY A 106 -2.25 3.16 10.35
CA GLY A 106 -1.00 2.53 10.74
C GLY A 106 -0.80 2.40 12.24
N THR A 107 -0.09 1.36 12.65
CA THR A 107 0.18 1.10 14.06
C THR A 107 1.68 0.94 14.33
N ARG A 108 2.20 1.76 15.25
CA ARG A 108 3.60 1.69 15.60
C ARG A 108 3.75 0.63 16.66
N LEU A 109 4.49 -0.42 16.37
CA LEU A 109 4.70 -1.51 17.32
C LEU A 109 6.17 -1.75 17.49
N THR A 110 6.63 -1.69 18.74
CA THR A 110 8.05 -1.92 19.03
C THR A 110 8.16 -3.06 20.03
N VAL A 111 8.95 -4.08 19.68
CA VAL A 111 9.14 -5.22 20.56
C VAL A 111 10.52 -5.12 21.22
N LEU A 112 10.52 -4.86 22.52
CA LEU A 112 11.73 -4.72 23.29
C LEU A 112 11.91 -5.91 24.23
N GLU A 113 13.15 -6.29 24.47
CA GLU A 113 13.41 -7.37 25.38
C GLU A 113 13.57 -6.87 26.80
N ASP A 114 13.15 -5.62 27.02
CA ASP A 114 13.24 -5.02 28.33
C ASP A 114 12.57 -3.66 28.33
N LEU A 115 11.41 -3.56 28.99
CA LEU A 115 10.70 -2.29 29.02
C LEU A 115 11.46 -1.20 29.81
N ARG A 116 12.54 -1.59 30.51
CA ARG A 116 13.32 -0.60 31.28
C ARG A 116 14.03 0.32 30.30
N GLN A 117 14.05 -0.08 29.03
CA GLN A 117 14.68 0.70 27.97
C GLN A 117 13.81 1.86 27.52
N VAL A 118 12.53 1.84 27.87
CA VAL A 118 11.62 2.92 27.47
C VAL A 118 11.94 4.19 28.26
N THR A 119 12.05 5.31 27.56
CA THR A 119 12.36 6.58 28.21
C THR A 119 11.61 7.72 27.52
N PRO A 120 11.03 8.64 28.31
CA PRO A 120 10.30 9.78 27.75
C PRO A 120 11.27 10.76 27.08
N PRO A 121 10.75 11.67 26.25
CA PRO A 121 11.61 12.64 25.58
C PRO A 121 11.97 13.88 26.39
N LYS A 122 12.88 14.67 25.83
CA LYS A 122 13.35 15.92 26.42
C LYS A 122 13.07 16.95 25.33
N VAL A 123 12.04 17.77 25.55
CA VAL A 123 11.62 18.81 24.61
C VAL A 123 12.13 20.20 25.00
N SER A 124 12.67 20.93 24.02
CA SER A 124 13.19 22.27 24.29
C SER A 124 13.05 23.28 23.14
N LEU A 125 12.83 24.55 23.49
CA LEU A 125 12.69 25.62 22.52
C LEU A 125 14.00 26.36 22.32
N PHE A 126 14.26 26.72 21.06
CA PHE A 126 15.48 27.43 20.70
C PHE A 126 15.19 28.61 19.76
N GLU A 127 16.27 29.26 19.34
CA GLU A 127 16.20 30.42 18.45
C GLU A 127 17.52 30.54 17.66
N PRO A 128 17.47 30.37 16.33
CA PRO A 128 18.63 30.46 15.44
C PRO A 128 18.99 31.93 15.17
N SER A 129 19.97 32.14 14.28
CA SER A 129 20.38 33.49 13.95
C SER A 129 20.84 33.57 12.50
N LYS A 130 20.58 34.71 11.86
CA LYS A 130 20.97 34.93 10.48
C LYS A 130 22.49 34.93 10.33
N ALA A 131 23.18 35.24 11.42
CA ALA A 131 24.64 35.28 11.43
C ALA A 131 25.24 33.91 11.14
N GLU A 132 24.45 32.86 11.35
CA GLU A 132 24.89 31.49 11.12
C GLU A 132 24.83 31.12 9.63
N ILE A 133 24.35 32.04 8.81
CA ILE A 133 24.22 31.79 7.37
C ILE A 133 24.40 33.07 6.56
N ALA A 134 24.37 32.91 5.24
CA ALA A 134 24.50 34.02 4.31
C ALA A 134 23.24 33.96 3.44
N ASN A 135 22.22 33.28 3.97
CA ASN A 135 20.95 33.11 3.30
C ASN A 135 19.96 34.19 3.73
N LYS A 136 18.79 33.79 4.24
CA LYS A 136 17.80 34.77 4.68
C LYS A 136 17.32 34.51 6.12
N GLN A 137 16.14 33.90 6.26
CA GLN A 137 15.59 33.62 7.60
C GLN A 137 15.59 32.15 8.02
N LYS A 138 15.23 31.27 7.10
CA LYS A 138 15.17 29.83 7.36
C LYS A 138 14.00 29.47 8.30
N ALA A 139 14.15 29.75 9.58
CA ALA A 139 13.10 29.45 10.57
C ALA A 139 13.28 30.25 11.86
N THR A 140 12.14 30.63 12.46
CA THR A 140 12.16 31.40 13.70
C THR A 140 12.43 30.49 14.90
N LEU A 141 11.37 30.09 15.61
CA LEU A 141 11.53 29.21 16.78
C LEU A 141 11.90 27.80 16.33
N VAL A 142 12.59 27.06 17.19
CA VAL A 142 12.99 25.70 16.88
C VAL A 142 12.69 24.79 18.07
N CYS A 143 12.05 23.67 17.80
CA CYS A 143 11.71 22.71 18.83
C CYS A 143 12.49 21.43 18.56
N LEU A 144 12.96 20.80 19.62
CA LEU A 144 13.73 19.56 19.48
C LEU A 144 13.46 18.63 20.65
N ALA A 145 13.11 17.39 20.32
CA ALA A 145 12.83 16.38 21.31
C ALA A 145 13.95 15.37 21.11
N ARG A 146 14.57 14.94 22.20
CA ARG A 146 15.66 13.98 22.14
C ARG A 146 15.77 13.17 23.42
N GLY A 147 16.42 12.03 23.34
CA GLY A 147 16.58 11.17 24.49
C GLY A 147 15.39 10.28 24.77
N PHE A 148 14.53 10.08 23.77
CA PHE A 148 13.36 9.24 23.94
C PHE A 148 13.53 7.88 23.28
N PHE A 149 12.78 6.89 23.75
CA PHE A 149 12.85 5.53 23.21
C PHE A 149 11.62 4.72 23.65
N PRO A 150 10.92 4.09 22.70
CA PRO A 150 11.13 4.07 21.24
C PRO A 150 10.74 5.39 20.57
N ASP A 151 10.56 5.34 19.25
CA ASP A 151 10.21 6.52 18.48
C ASP A 151 8.72 6.80 18.30
N HIS A 152 7.93 6.55 19.34
CA HIS A 152 6.49 6.80 19.23
C HIS A 152 6.19 8.24 19.68
N VAL A 153 6.33 9.21 18.77
CA VAL A 153 6.09 10.62 19.08
C VAL A 153 5.37 11.48 18.03
N GLU A 154 4.72 12.54 18.50
CA GLU A 154 4.00 13.48 17.62
C GLU A 154 4.32 14.89 18.13
N LEU A 155 4.71 15.78 17.23
CA LEU A 155 5.04 17.15 17.58
C LEU A 155 4.08 18.14 16.90
N SER A 156 3.58 19.09 17.67
CA SER A 156 2.66 20.08 17.15
C SER A 156 2.91 21.49 17.71
N TRP A 157 2.43 22.49 16.98
CA TRP A 157 2.58 23.87 17.38
C TRP A 157 1.24 24.49 17.76
N TRP A 158 1.26 25.24 18.86
CA TRP A 158 0.07 25.90 19.37
C TRP A 158 0.39 27.33 19.81
N VAL A 159 0.00 28.32 19.02
CA VAL A 159 0.26 29.70 19.39
C VAL A 159 -1.02 30.29 19.97
N ASN A 160 -0.91 30.75 21.21
CA ASN A 160 -2.04 31.34 21.94
C ASN A 160 -3.16 30.34 22.22
N GLY A 161 -2.76 29.12 22.57
CA GLY A 161 -3.73 28.08 22.86
C GLY A 161 -4.50 27.54 21.66
N LYS A 162 -3.99 27.79 20.45
CA LYS A 162 -4.64 27.32 19.24
C LYS A 162 -3.61 26.67 18.35
N GLU A 163 -3.90 25.46 17.87
CA GLU A 163 -2.97 24.74 17.01
C GLU A 163 -2.81 25.38 15.64
N VAL A 164 -1.56 25.58 15.24
CA VAL A 164 -1.25 26.20 13.97
C VAL A 164 -0.60 25.21 13.00
N HIS A 165 -0.58 25.57 11.73
CA HIS A 165 0.00 24.74 10.69
C HIS A 165 0.84 25.57 9.74
N SER A 166 0.66 26.89 9.81
CA SER A 166 1.39 27.83 8.94
C SER A 166 2.81 28.12 9.45
N GLY A 167 3.80 27.78 8.63
CA GLY A 167 5.18 28.00 8.99
C GLY A 167 5.81 26.91 9.84
N VAL A 168 5.11 25.78 9.97
CA VAL A 168 5.60 24.65 10.75
C VAL A 168 6.43 23.73 9.88
N SER A 169 7.64 23.40 10.32
CA SER A 169 8.50 22.51 9.55
C SER A 169 9.06 21.43 10.48
N THR A 170 8.37 20.29 10.53
CA THR A 170 8.78 19.17 11.39
C THR A 170 9.53 18.09 10.61
N ASP A 171 10.42 17.38 11.29
CA ASP A 171 11.18 16.31 10.65
C ASP A 171 10.25 15.21 10.15
N PRO A 172 10.54 14.66 8.97
CA PRO A 172 9.73 13.60 8.39
C PRO A 172 9.64 12.38 9.30
N GLN A 173 10.72 12.11 10.03
CA GLN A 173 10.75 10.98 10.95
C GLN A 173 11.93 11.09 11.93
N ALA A 174 11.65 10.78 13.19
CA ALA A 174 12.66 10.83 14.25
C ALA A 174 13.90 10.01 13.93
N TYR A 175 15.06 10.61 14.16
CA TYR A 175 16.34 9.94 13.90
C TYR A 175 16.94 9.41 15.19
N LYS A 176 17.72 8.34 15.08
CA LYS A 176 18.37 7.74 16.23
C LYS A 176 19.63 8.52 16.55
N GLU A 177 19.72 9.07 17.77
CA GLU A 177 20.91 9.84 18.16
C GLU A 177 21.94 8.93 18.81
N SER A 178 21.54 7.71 19.13
CA SER A 178 22.41 6.72 19.73
C SER A 178 21.70 5.40 19.57
N ASN A 179 22.29 4.35 20.10
CA ASN A 179 21.71 3.01 20.01
C ASN A 179 20.28 2.88 20.57
N TYR A 180 20.03 3.54 21.70
CA TYR A 180 18.71 3.49 22.31
C TYR A 180 18.17 4.86 22.65
N SER A 181 18.20 5.76 21.67
CA SER A 181 17.71 7.11 21.87
C SER A 181 17.38 7.74 20.54
N TYR A 182 16.24 8.44 20.49
CA TYR A 182 15.80 9.10 19.27
C TYR A 182 15.80 10.62 19.41
N CYS A 183 15.71 11.28 18.26
CA CYS A 183 15.71 12.74 18.12
C CYS A 183 14.63 13.15 17.10
N LEU A 184 14.10 14.36 17.26
CA LEU A 184 13.07 14.87 16.35
C LEU A 184 13.02 16.38 16.45
N SER A 185 13.03 17.06 15.31
CA SER A 185 12.98 18.52 15.30
C SER A 185 11.84 19.16 14.52
N SER A 186 11.66 20.45 14.76
CA SER A 186 10.62 21.24 14.13
C SER A 186 10.99 22.72 14.23
N ARG A 187 10.40 23.54 13.39
CA ARG A 187 10.67 24.96 13.38
C ARG A 187 9.40 25.72 13.04
N LEU A 188 9.21 26.89 13.66
CA LEU A 188 8.02 27.70 13.42
C LEU A 188 8.42 29.11 12.96
N ARG A 189 8.21 29.39 11.68
CA ARG A 189 8.55 30.69 11.10
C ARG A 189 7.40 31.69 11.24
N VAL A 190 7.54 32.62 12.18
CA VAL A 190 6.52 33.64 12.43
C VAL A 190 7.07 35.02 12.09
N SER A 191 6.20 36.03 12.09
CA SER A 191 6.62 37.39 11.79
C SER A 191 7.42 37.98 12.95
N ALA A 192 8.47 38.73 12.63
CA ALA A 192 9.32 39.34 13.65
C ALA A 192 8.51 40.17 14.65
N THR A 193 7.48 40.83 14.16
CA THR A 193 6.61 41.65 15.02
C THR A 193 5.85 40.74 15.99
N PHE A 194 5.31 39.64 15.47
CA PHE A 194 4.55 38.71 16.30
C PHE A 194 5.49 38.14 17.36
N TRP A 195 6.67 37.69 16.93
CA TRP A 195 7.65 37.13 17.86
C TRP A 195 8.04 38.19 18.88
N HIS A 196 8.17 39.43 18.41
CA HIS A 196 8.54 40.53 19.28
C HIS A 196 7.38 41.07 20.10
N ASN A 197 6.19 40.49 19.91
CA ASN A 197 5.01 40.91 20.65
C ASN A 197 4.99 40.12 21.96
N PRO A 198 5.39 40.77 23.07
CA PRO A 198 5.42 40.13 24.39
C PRO A 198 4.09 39.56 24.88
N ARG A 199 3.02 39.79 24.14
CA ARG A 199 1.70 39.29 24.52
C ARG A 199 1.39 37.92 23.91
N ASN A 200 2.20 37.52 22.93
CA ASN A 200 2.00 36.24 22.26
C ASN A 200 2.63 35.05 23.00
N HIS A 201 1.88 33.95 23.06
CA HIS A 201 2.34 32.73 23.74
C HIS A 201 2.53 31.58 22.76
N PHE A 202 3.74 31.06 22.71
CA PHE A 202 4.06 29.95 21.82
C PHE A 202 4.22 28.65 22.62
N ARG A 203 3.92 27.53 21.97
CA ARG A 203 4.01 26.21 22.60
C ARG A 203 4.23 25.10 21.60
N CYS A 204 5.12 24.19 21.97
CA CYS A 204 5.46 23.04 21.16
C CYS A 204 5.11 21.78 21.93
N GLN A 205 4.06 21.09 21.50
CA GLN A 205 3.62 19.86 22.16
C GLN A 205 4.21 18.60 21.57
N VAL A 206 4.60 17.70 22.44
CA VAL A 206 5.19 16.44 22.01
C VAL A 206 4.50 15.27 22.72
N GLN A 207 3.85 14.44 21.91
CA GLN A 207 3.14 13.27 22.37
C GLN A 207 4.02 12.03 22.30
N PHE A 208 4.42 11.53 23.46
CA PHE A 208 5.25 10.33 23.54
C PHE A 208 4.39 9.17 24.01
N HIS A 209 4.45 8.05 23.27
CA HIS A 209 3.69 6.86 23.62
C HIS A 209 4.60 5.80 24.21
N GLY A 210 4.32 5.36 25.43
CA GLY A 210 5.14 4.34 26.08
C GLY A 210 4.37 3.15 26.63
N LEU A 211 4.50 2.93 27.94
CA LEU A 211 3.82 1.82 28.62
C LEU A 211 2.43 2.22 29.11
N SER A 212 1.54 1.24 29.18
CA SER A 212 0.18 1.50 29.62
C SER A 212 -0.16 0.59 30.79
N GLU A 213 -1.43 0.58 31.18
CA GLU A 213 -1.89 -0.26 32.29
C GLU A 213 -1.82 -1.74 31.90
N GLU A 214 -1.95 -2.02 30.61
CA GLU A 214 -1.91 -3.38 30.10
C GLU A 214 -0.47 -3.92 30.06
N ASP A 215 0.50 -3.02 30.02
CA ASP A 215 1.90 -3.42 29.97
C ASP A 215 2.45 -3.87 31.30
N LYS A 216 3.13 -5.01 31.28
CA LYS A 216 3.72 -5.56 32.48
C LYS A 216 4.97 -4.75 32.81
N TRP A 217 4.79 -3.67 33.56
CA TRP A 217 5.93 -2.85 33.95
C TRP A 217 6.64 -3.54 35.06
N PRO A 218 7.93 -3.82 34.88
CA PRO A 218 8.62 -4.48 35.98
C PRO A 218 8.62 -3.41 37.03
N GLU A 219 7.90 -3.68 38.11
CA GLU A 219 7.75 -2.77 39.26
C GLU A 219 9.03 -1.98 39.63
N GLY A 220 9.15 -1.60 40.90
CA GLY A 220 10.32 -0.87 41.35
C GLY A 220 10.61 0.47 40.72
N SER A 221 11.29 0.47 39.59
CA SER A 221 11.61 1.72 38.92
C SER A 221 10.30 2.43 38.54
N PRO A 222 10.33 3.77 38.39
CA PRO A 222 9.12 4.49 38.02
C PRO A 222 8.64 4.08 36.64
N LYS A 223 7.35 3.74 36.52
CA LYS A 223 6.78 3.32 35.24
C LYS A 223 6.67 4.49 34.26
N PRO A 224 7.36 4.41 33.10
CA PRO A 224 7.37 5.44 32.07
C PRO A 224 5.97 5.63 31.50
N VAL A 225 5.12 6.26 32.29
CA VAL A 225 3.75 6.50 31.91
C VAL A 225 3.55 7.98 31.52
N THR A 226 4.56 8.56 30.89
CA THR A 226 4.54 9.95 30.46
C THR A 226 3.55 10.13 29.29
N GLN A 227 3.26 11.38 28.95
CA GLN A 227 2.33 11.69 27.87
C GLN A 227 2.70 12.93 27.04
N ASN A 228 1.97 14.03 27.24
CA ASN A 228 2.26 15.24 26.48
C ASN A 228 3.17 16.27 27.17
N ILE A 229 4.36 16.45 26.62
CA ILE A 229 5.34 17.40 27.15
C ILE A 229 5.23 18.69 26.35
N SER A 230 5.49 19.82 26.98
CA SER A 230 5.40 21.10 26.29
C SER A 230 6.55 22.08 26.55
N ALA A 231 6.93 22.80 25.49
CA ALA A 231 8.00 23.79 25.53
C ALA A 231 7.27 25.09 25.16
N GLU A 232 7.10 25.96 26.15
CA GLU A 232 6.39 27.23 25.94
C GLU A 232 7.24 28.49 26.12
N ALA A 233 6.89 29.54 25.38
CA ALA A 233 7.61 30.80 25.44
C ALA A 233 6.71 31.96 25.04
N TRP A 234 7.12 33.17 25.39
CA TRP A 234 6.37 34.38 25.07
C TRP A 234 7.19 35.25 24.12
N GLY A 235 6.56 36.31 23.62
CA GLY A 235 7.25 37.21 22.71
C GLY A 235 8.30 38.04 23.44
N ARG A 236 9.40 38.31 22.75
CA ARG A 236 10.48 39.11 23.32
C ARG A 236 10.54 40.49 22.65
N ALA A 237 11.06 41.47 23.37
CA ALA A 237 11.18 42.85 22.86
C ALA A 237 11.68 42.94 21.43
N ASP A 238 11.44 44.08 20.80
CA ASP A 238 11.84 44.35 19.41
C ASP A 238 13.34 44.20 19.15
N GLU B 1 -21.57 -52.61 9.95
CA GLU B 1 -21.20 -51.45 9.10
C GLU B 1 -21.98 -51.49 7.80
N SER B 2 -22.29 -50.32 7.25
CA SER B 2 -23.04 -50.22 6.01
C SER B 2 -22.07 -49.59 5.01
N GLN B 3 -21.56 -48.42 5.35
CA GLN B 3 -20.61 -47.72 4.50
C GLN B 3 -19.24 -48.35 4.77
N PRO B 4 -18.55 -48.79 3.70
CA PRO B 4 -17.23 -49.41 3.87
C PRO B 4 -16.29 -48.45 4.60
N ASP B 5 -15.67 -48.93 5.68
CA ASP B 5 -14.76 -48.09 6.45
C ASP B 5 -13.65 -47.45 5.61
N PRO B 6 -13.16 -46.27 6.05
CA PRO B 6 -12.10 -45.56 5.35
C PRO B 6 -10.76 -46.27 5.31
N LYS B 7 -10.42 -46.77 4.13
CA LYS B 7 -9.16 -47.48 3.89
C LYS B 7 -8.08 -46.43 4.19
N PRO B 8 -7.03 -46.82 4.94
CA PRO B 8 -5.95 -45.89 5.28
C PRO B 8 -5.55 -44.92 4.16
N ASP B 9 -5.27 -45.46 2.99
CA ASP B 9 -4.88 -44.64 1.85
C ASP B 9 -6.08 -43.99 1.14
N GLU B 10 -7.11 -43.64 1.91
CA GLU B 10 -8.32 -43.00 1.36
C GLU B 10 -8.61 -41.69 2.08
N LEU B 11 -8.10 -41.57 3.30
CA LEU B 11 -8.26 -40.39 4.11
C LEU B 11 -7.36 -39.26 3.67
N HIS B 12 -7.85 -38.02 3.74
CA HIS B 12 -7.03 -36.87 3.35
C HIS B 12 -5.89 -36.78 4.35
N LYS B 13 -4.71 -36.44 3.86
CA LYS B 13 -3.55 -36.29 4.72
C LYS B 13 -3.39 -34.78 4.94
N SER B 14 -3.51 -34.34 6.19
CA SER B 14 -3.40 -32.92 6.53
C SER B 14 -2.15 -32.23 5.99
N SER B 15 -1.04 -32.96 5.95
CA SER B 15 0.22 -32.40 5.45
C SER B 15 0.17 -32.02 3.97
N LYS B 16 -0.77 -32.61 3.22
CA LYS B 16 -0.91 -32.32 1.79
C LYS B 16 -1.66 -31.00 1.62
N PHE B 17 -2.23 -30.51 2.71
CA PHE B 17 -2.96 -29.26 2.68
C PHE B 17 -2.04 -28.16 3.19
N THR B 18 -1.85 -27.15 2.35
CA THR B 18 -1.00 -26.05 2.70
C THR B 18 -1.79 -24.75 2.49
N GLY B 19 -2.74 -24.46 3.37
CA GLY B 19 -3.51 -23.25 3.18
C GLY B 19 -4.28 -22.69 4.37
N LEU B 20 -3.70 -22.79 5.56
CA LEU B 20 -4.35 -22.27 6.79
C LEU B 20 -5.58 -23.05 7.24
N MET B 21 -5.34 -23.96 8.19
CA MET B 21 -6.37 -24.82 8.77
C MET B 21 -7.40 -24.02 9.54
N GLU B 22 -7.15 -22.72 9.69
CA GLU B 22 -8.06 -21.86 10.42
C GLU B 22 -9.44 -21.88 9.78
N ASN B 23 -9.49 -22.00 8.46
CA ASN B 23 -10.77 -22.02 7.71
C ASN B 23 -11.65 -23.20 8.09
N MET B 24 -11.02 -24.25 8.60
CA MET B 24 -11.71 -25.48 9.03
C MET B 24 -12.07 -25.32 10.51
N LYS B 25 -11.10 -24.89 11.31
CA LYS B 25 -11.29 -24.68 12.74
C LYS B 25 -12.51 -23.81 13.01
N VAL B 26 -12.60 -22.69 12.30
CA VAL B 26 -13.71 -21.76 12.44
C VAL B 26 -15.09 -22.43 12.36
N LEU B 27 -15.21 -23.42 11.48
CA LEU B 27 -16.47 -24.13 11.31
C LEU B 27 -16.88 -24.92 12.56
N TYR B 28 -15.90 -25.20 13.42
CA TYR B 28 -16.18 -25.95 14.63
C TYR B 28 -15.89 -25.23 15.93
N ASP B 29 -15.89 -23.90 15.87
CA ASP B 29 -15.65 -23.08 17.06
C ASP B 29 -16.99 -22.92 17.79
N ASP B 30 -16.99 -22.18 18.88
CA ASP B 30 -18.21 -21.96 19.66
C ASP B 30 -19.42 -21.42 18.87
N ASN B 31 -19.17 -20.81 17.71
CA ASN B 31 -20.26 -20.26 16.89
C ASN B 31 -20.85 -21.27 15.91
N HIS B 32 -22.18 -21.23 15.78
CA HIS B 32 -22.93 -22.12 14.87
C HIS B 32 -24.38 -21.64 14.85
N VAL B 33 -25.13 -22.05 13.83
CA VAL B 33 -26.54 -21.66 13.73
C VAL B 33 -27.41 -22.57 14.60
N SER B 34 -28.53 -22.03 15.08
CA SER B 34 -29.48 -22.78 15.92
C SER B 34 -30.83 -22.05 15.96
N ALA B 35 -31.89 -22.75 15.60
CA ALA B 35 -33.23 -22.18 15.59
C ALA B 35 -34.19 -23.19 16.17
N ILE B 36 -35.11 -22.74 17.03
CA ILE B 36 -36.07 -23.63 17.65
C ILE B 36 -37.51 -23.24 17.38
N ASN B 37 -38.26 -24.17 16.78
CA ASN B 37 -39.66 -23.99 16.44
C ASN B 37 -39.84 -22.76 15.54
N VAL B 38 -39.30 -22.88 14.33
CA VAL B 38 -39.38 -21.81 13.37
C VAL B 38 -39.84 -22.31 12.01
N LYS B 39 -40.47 -21.43 11.27
CA LYS B 39 -40.97 -21.74 9.95
C LYS B 39 -40.17 -20.92 8.93
N SER B 40 -40.05 -21.43 7.71
CA SER B 40 -39.32 -20.72 6.68
C SER B 40 -40.12 -19.50 6.22
N ILE B 41 -39.42 -18.42 5.91
CA ILE B 41 -40.07 -17.19 5.46
C ILE B 41 -39.86 -16.89 3.98
N ASP B 42 -39.15 -17.76 3.28
CA ASP B 42 -38.91 -17.57 1.85
C ASP B 42 -38.13 -18.74 1.28
N GLN B 43 -37.69 -18.58 0.04
CA GLN B 43 -36.94 -19.62 -0.64
C GLN B 43 -36.30 -19.03 -1.89
N PHE B 44 -34.99 -19.19 -2.02
CA PHE B 44 -34.25 -18.69 -3.17
C PHE B 44 -34.45 -19.64 -4.34
N LEU B 45 -33.90 -20.85 -4.21
CA LEU B 45 -34.00 -21.87 -5.23
C LEU B 45 -34.83 -23.03 -4.69
N TYR B 46 -35.38 -23.83 -5.59
CA TYR B 46 -36.19 -24.97 -5.20
C TYR B 46 -35.54 -25.85 -4.17
N PHE B 47 -34.21 -25.82 -4.11
CA PHE B 47 -33.47 -26.66 -3.17
C PHE B 47 -32.97 -26.00 -1.87
N ASP B 48 -33.55 -24.87 -1.48
CA ASP B 48 -33.13 -24.19 -0.25
C ASP B 48 -34.31 -23.54 0.45
N LEU B 49 -34.08 -23.10 1.68
CA LEU B 49 -35.12 -22.45 2.48
C LEU B 49 -34.48 -21.33 3.28
N ILE B 50 -35.08 -20.15 3.23
CA ILE B 50 -34.56 -19.00 3.95
C ILE B 50 -35.33 -18.91 5.26
N TYR B 51 -34.61 -18.81 6.37
CA TYR B 51 -35.23 -18.72 7.68
C TYR B 51 -34.85 -17.40 8.36
N SER B 52 -35.66 -16.94 9.29
CA SER B 52 -35.35 -15.71 10.01
C SER B 52 -34.68 -16.10 11.33
N ILE B 53 -33.36 -16.25 11.29
CA ILE B 53 -32.57 -16.61 12.47
C ILE B 53 -31.58 -15.49 12.72
N LYS B 54 -31.82 -14.70 13.76
CA LYS B 54 -30.93 -13.59 14.07
C LYS B 54 -29.84 -13.99 15.03
N ASP B 55 -28.62 -13.58 14.71
CA ASP B 55 -27.48 -13.88 15.55
C ASP B 55 -27.46 -12.91 16.74
N THR B 56 -28.18 -13.26 17.80
CA THR B 56 -28.25 -12.44 19.00
C THR B 56 -26.88 -12.04 19.60
N LYS B 57 -25.88 -12.90 19.43
CA LYS B 57 -24.54 -12.63 19.95
C LYS B 57 -23.67 -11.74 19.06
N LEU B 58 -22.94 -12.35 18.13
CA LEU B 58 -22.06 -11.61 17.22
C LEU B 58 -22.82 -10.73 16.22
N GLY B 59 -24.12 -11.01 16.04
CA GLY B 59 -24.91 -10.24 15.11
C GLY B 59 -24.41 -10.35 13.68
N ASN B 60 -23.86 -11.51 13.33
CA ASN B 60 -23.34 -11.72 11.98
C ASN B 60 -24.36 -12.05 10.91
N TYR B 61 -25.61 -12.27 11.29
CA TYR B 61 -26.64 -12.59 10.32
C TYR B 61 -28.06 -12.33 10.82
N ASP B 62 -28.98 -12.23 9.89
CA ASP B 62 -30.39 -11.99 10.20
C ASP B 62 -31.22 -13.07 9.53
N ASN B 63 -30.70 -13.58 8.42
CA ASN B 63 -31.38 -14.64 7.68
C ASN B 63 -30.40 -15.74 7.37
N VAL B 64 -30.88 -16.97 7.41
CA VAL B 64 -30.05 -18.13 7.13
C VAL B 64 -30.59 -18.96 5.97
N ARG B 65 -29.77 -19.15 4.95
CA ARG B 65 -30.20 -19.94 3.81
C ARG B 65 -29.76 -21.39 4.00
N VAL B 66 -30.73 -22.29 4.12
CA VAL B 66 -30.44 -23.70 4.31
C VAL B 66 -30.60 -24.36 2.93
N GLU B 67 -29.51 -24.90 2.42
CA GLU B 67 -29.51 -25.56 1.12
C GLU B 67 -29.67 -27.06 1.32
N PHE B 68 -30.41 -27.70 0.41
CA PHE B 68 -30.66 -29.14 0.48
C PHE B 68 -30.10 -29.93 -0.68
N LYS B 69 -30.07 -31.25 -0.50
CA LYS B 69 -29.55 -32.14 -1.53
C LYS B 69 -30.48 -32.22 -2.74
N ASN B 70 -31.78 -32.07 -2.49
CA ASN B 70 -32.79 -32.11 -3.56
C ASN B 70 -34.04 -31.32 -3.20
N LYS B 71 -34.79 -30.95 -4.23
CA LYS B 71 -36.03 -30.18 -4.08
C LYS B 71 -37.00 -30.85 -3.11
N ASP B 72 -37.03 -32.17 -3.12
CA ASP B 72 -37.92 -32.91 -2.23
C ASP B 72 -37.69 -32.53 -0.78
N LEU B 73 -36.42 -32.42 -0.39
CA LEU B 73 -36.05 -32.05 0.98
C LEU B 73 -36.59 -30.67 1.32
N ALA B 74 -36.45 -29.74 0.37
CA ALA B 74 -36.92 -28.38 0.57
C ALA B 74 -38.43 -28.38 0.76
N ASP B 75 -39.16 -28.85 -0.25
CA ASP B 75 -40.61 -28.90 -0.20
C ASP B 75 -41.08 -29.56 1.09
N LYS B 76 -40.42 -30.65 1.47
CA LYS B 76 -40.77 -31.37 2.69
C LYS B 76 -40.80 -30.45 3.92
N TYR B 77 -39.81 -29.58 4.05
CA TYR B 77 -39.75 -28.68 5.19
C TYR B 77 -40.30 -27.28 4.90
N LYS B 78 -40.58 -26.99 3.64
CA LYS B 78 -41.10 -25.68 3.28
C LYS B 78 -42.42 -25.42 4.00
N ASP B 79 -42.44 -24.39 4.84
CA ASP B 79 -43.62 -24.02 5.61
C ASP B 79 -43.97 -25.03 6.71
N LYS B 80 -42.95 -25.67 7.27
CA LYS B 80 -43.14 -26.65 8.33
C LYS B 80 -42.32 -26.17 9.53
N TYR B 81 -42.92 -26.16 10.71
CA TYR B 81 -42.18 -25.74 11.90
C TYR B 81 -41.10 -26.74 12.23
N VAL B 82 -39.87 -26.27 12.25
CA VAL B 82 -38.72 -27.10 12.53
C VAL B 82 -37.71 -26.48 13.52
N ASP B 83 -36.54 -27.12 13.58
CA ASP B 83 -35.41 -26.70 14.41
C ASP B 83 -34.24 -26.74 13.44
N VAL B 84 -33.35 -25.75 13.55
CA VAL B 84 -32.18 -25.69 12.67
C VAL B 84 -30.89 -25.63 13.48
N PHE B 85 -29.88 -26.38 13.04
CA PHE B 85 -28.60 -26.44 13.72
C PHE B 85 -27.53 -26.83 12.71
N GLY B 86 -26.46 -26.04 12.62
CA GLY B 86 -25.40 -26.35 11.68
C GLY B 86 -24.29 -25.33 11.56
N ALA B 87 -23.16 -25.77 10.97
CA ALA B 87 -21.99 -24.94 10.76
C ALA B 87 -22.20 -24.11 9.48
N ASN B 88 -22.36 -22.80 9.65
CA ASN B 88 -22.58 -21.89 8.56
C ASN B 88 -21.30 -21.24 8.00
N TYR B 89 -21.44 -20.55 6.87
CA TYR B 89 -20.30 -19.88 6.22
C TYR B 89 -20.79 -18.57 5.60
N TYR B 90 -19.86 -17.67 5.26
CA TYR B 90 -20.21 -16.37 4.67
C TYR B 90 -19.58 -16.06 3.33
N TYR B 91 -18.29 -16.37 3.18
CA TYR B 91 -17.56 -16.11 1.94
C TYR B 91 -18.35 -16.29 0.64
N GLN B 92 -18.52 -17.52 0.20
CA GLN B 92 -19.25 -17.75 -1.04
C GLN B 92 -20.74 -17.98 -0.83
N CYS B 93 -21.33 -17.23 0.09
CA CYS B 93 -22.75 -17.34 0.40
C CYS B 93 -23.59 -16.35 -0.40
N TYR B 94 -23.99 -16.76 -1.59
CA TYR B 94 -24.79 -15.92 -2.47
C TYR B 94 -26.23 -16.41 -2.33
N PHE B 95 -27.17 -15.49 -2.21
CA PHE B 95 -28.58 -15.89 -2.12
C PHE B 95 -29.55 -14.74 -2.24
N SER B 96 -30.69 -15.01 -2.90
CA SER B 96 -31.70 -14.01 -3.10
C SER B 96 -30.99 -12.79 -3.72
N LYS B 97 -31.13 -11.63 -3.09
CA LYS B 97 -30.51 -10.36 -3.54
C LYS B 97 -31.44 -9.21 -3.16
N LYS B 98 -32.73 -9.46 -3.35
CA LYS B 98 -33.78 -8.49 -3.05
C LYS B 98 -34.95 -9.13 -3.68
N THR B 99 -35.96 -9.49 -2.90
CA THR B 99 -37.16 -10.16 -3.46
C THR B 99 -37.52 -9.44 -4.70
N ASN B 100 -37.47 -10.17 -5.80
CA ASN B 100 -37.75 -9.58 -7.06
C ASN B 100 -38.99 -9.87 -7.89
N ASP B 101 -38.91 -9.23 -9.05
CA ASP B 101 -39.83 -9.21 -10.17
C ASP B 101 -39.94 -10.53 -10.97
N ILE B 102 -39.24 -11.55 -10.52
CA ILE B 102 -39.24 -12.84 -11.19
C ILE B 102 -38.57 -13.81 -10.25
N ASN B 103 -37.49 -13.34 -9.63
CA ASN B 103 -36.74 -14.14 -8.70
C ASN B 103 -37.41 -14.10 -7.34
N SER B 104 -37.79 -15.26 -6.83
CA SER B 104 -38.44 -15.36 -5.54
C SER B 104 -37.41 -15.14 -4.45
N HIS B 105 -37.28 -13.91 -3.97
CA HIS B 105 -36.29 -13.64 -2.93
C HIS B 105 -36.82 -12.74 -1.80
N GLN B 106 -35.88 -12.02 -1.15
CA GLN B 106 -36.09 -11.08 -0.03
C GLN B 106 -34.72 -11.05 0.66
N THR B 107 -34.72 -10.90 1.97
CA THR B 107 -33.53 -10.84 2.80
C THR B 107 -32.93 -9.45 2.83
N ASP B 108 -33.29 -8.70 3.87
CA ASP B 108 -32.80 -7.35 4.05
C ASP B 108 -31.71 -7.31 5.10
N LYS B 109 -30.47 -7.19 4.64
CA LYS B 109 -29.30 -7.12 5.50
C LYS B 109 -28.85 -8.42 6.22
N ARG B 110 -27.56 -8.47 6.58
CA ARG B 110 -26.91 -9.60 7.27
C ARG B 110 -27.44 -11.00 6.96
N LYS B 111 -26.60 -11.81 6.33
CA LYS B 111 -27.00 -13.16 5.99
C LYS B 111 -25.86 -14.17 5.87
N THR B 112 -26.18 -15.44 6.07
CA THR B 112 -25.23 -16.54 6.00
C THR B 112 -25.87 -17.74 5.33
N CYS B 113 -25.09 -18.80 5.16
CA CYS B 113 -25.57 -20.04 4.52
C CYS B 113 -25.16 -21.29 5.32
N MET B 114 -25.80 -22.42 5.00
CA MET B 114 -25.52 -23.71 5.66
C MET B 114 -26.21 -24.82 4.84
N TYR B 115 -25.96 -26.08 5.21
CA TYR B 115 -26.56 -27.20 4.52
C TYR B 115 -27.28 -28.18 5.45
N GLY B 116 -28.53 -28.50 5.12
CA GLY B 116 -29.31 -29.42 5.94
C GLY B 116 -29.61 -28.89 7.33
N GLY B 117 -29.25 -29.68 8.34
CA GLY B 117 -29.47 -29.29 9.72
C GLY B 117 -30.89 -29.01 10.15
N VAL B 118 -31.87 -29.59 9.46
CA VAL B 118 -33.28 -29.36 9.78
C VAL B 118 -34.00 -30.59 10.36
N THR B 119 -34.80 -30.37 11.40
CA THR B 119 -35.57 -31.42 12.08
C THR B 119 -36.87 -30.85 12.61
N GLU B 120 -37.95 -31.63 12.51
CA GLU B 120 -39.27 -31.20 12.97
C GLU B 120 -39.20 -30.88 14.47
N HIS B 121 -39.98 -29.91 14.92
CA HIS B 121 -39.99 -29.52 16.32
C HIS B 121 -40.89 -30.38 17.20
N ASN B 122 -42.19 -30.39 16.89
CA ASN B 122 -43.14 -31.17 17.67
C ASN B 122 -42.92 -32.66 17.65
N GLY B 123 -43.06 -33.25 18.83
CA GLY B 123 -42.89 -34.69 19.00
C GLY B 123 -41.47 -35.17 18.88
N ASN B 124 -40.52 -34.24 18.78
CA ASN B 124 -39.11 -34.63 18.65
C ASN B 124 -38.33 -34.19 19.88
N GLN B 125 -39.00 -33.46 20.77
CA GLN B 125 -38.37 -32.96 21.99
C GLN B 125 -38.32 -34.00 23.11
N LEU B 126 -37.35 -33.84 24.00
CA LEU B 126 -37.16 -34.74 25.13
C LEU B 126 -37.08 -33.89 26.38
N ASP B 127 -37.71 -34.34 27.47
CA ASP B 127 -37.68 -33.60 28.72
C ASP B 127 -36.23 -33.46 29.22
N LYS B 128 -35.53 -34.60 29.29
CA LYS B 128 -34.15 -34.59 29.74
C LYS B 128 -33.20 -34.67 28.54
N TYR B 129 -32.05 -34.03 28.67
CA TYR B 129 -31.03 -33.99 27.63
C TYR B 129 -30.31 -35.33 27.47
N ARG B 130 -30.45 -35.93 26.30
CA ARG B 130 -29.82 -37.22 25.99
C ARG B 130 -28.29 -37.01 26.04
N SER B 131 -27.54 -38.06 26.38
CA SER B 131 -26.09 -37.95 26.46
C SER B 131 -25.39 -39.08 25.71
N ILE B 132 -24.95 -38.80 24.49
CA ILE B 132 -24.25 -39.78 23.67
C ILE B 132 -22.77 -39.82 24.09
N THR B 133 -22.09 -40.91 23.81
CA THR B 133 -20.69 -41.02 24.18
C THR B 133 -19.79 -40.98 22.94
N VAL B 134 -18.61 -40.37 23.08
CA VAL B 134 -17.65 -40.27 21.99
C VAL B 134 -16.42 -41.05 22.37
N ARG B 135 -16.02 -41.95 21.49
CA ARG B 135 -14.84 -42.78 21.71
C ARG B 135 -13.76 -42.30 20.74
N VAL B 136 -12.83 -41.48 21.24
CA VAL B 136 -11.75 -40.98 20.41
C VAL B 136 -10.48 -41.83 20.54
N PHE B 137 -10.00 -42.30 19.39
CA PHE B 137 -8.82 -43.14 19.31
C PHE B 137 -7.70 -42.47 18.56
N GLU B 138 -6.57 -42.28 19.22
CA GLU B 138 -5.39 -41.65 18.62
C GLU B 138 -4.40 -42.77 18.32
N ASP B 139 -4.51 -43.31 17.11
CA ASP B 139 -3.68 -44.42 16.61
C ASP B 139 -4.16 -45.77 17.20
N GLY B 140 -5.47 -45.90 17.34
CA GLY B 140 -6.03 -47.13 17.90
C GLY B 140 -6.17 -47.02 19.41
N LYS B 141 -5.16 -46.42 20.04
CA LYS B 141 -5.14 -46.24 21.48
C LYS B 141 -6.27 -45.31 21.94
N ASN B 142 -7.31 -45.88 22.54
CA ASN B 142 -8.45 -45.11 23.04
C ASN B 142 -8.00 -44.37 24.30
N LEU B 143 -7.50 -43.15 24.11
CA LEU B 143 -7.03 -42.34 25.22
C LEU B 143 -8.04 -41.32 25.71
N LEU B 144 -9.05 -41.03 24.90
CA LEU B 144 -10.07 -40.07 25.28
C LEU B 144 -11.47 -40.54 24.94
N SER B 145 -12.41 -40.15 25.79
CA SER B 145 -13.82 -40.48 25.63
C SER B 145 -14.61 -39.44 26.41
N PHE B 146 -15.67 -38.93 25.81
CA PHE B 146 -16.51 -37.92 26.46
C PHE B 146 -17.93 -38.00 25.92
N ASP B 147 -18.87 -37.33 26.58
CA ASP B 147 -20.27 -37.35 26.16
C ASP B 147 -20.74 -36.10 25.43
N VAL B 148 -21.70 -36.29 24.53
CA VAL B 148 -22.29 -35.25 23.73
C VAL B 148 -23.79 -35.19 24.03
N GLN B 149 -24.24 -34.10 24.66
CA GLN B 149 -25.66 -33.94 25.00
C GLN B 149 -26.52 -33.49 23.81
N THR B 150 -27.83 -33.70 23.94
CA THR B 150 -28.81 -33.33 22.90
C THR B 150 -30.21 -33.54 23.48
N ASN B 151 -31.25 -32.99 22.85
CA ASN B 151 -32.61 -33.18 23.35
C ASN B 151 -33.61 -33.37 22.21
N LYS B 152 -33.20 -34.12 21.21
CA LYS B 152 -34.03 -34.40 20.06
C LYS B 152 -33.99 -35.91 19.86
N LYS B 153 -35.07 -36.49 19.34
CA LYS B 153 -35.12 -37.94 19.11
C LYS B 153 -34.37 -38.25 17.83
N LYS B 154 -34.73 -37.54 16.75
CA LYS B 154 -34.11 -37.72 15.46
C LYS B 154 -33.14 -36.55 15.21
N VAL B 155 -31.93 -36.66 15.76
CA VAL B 155 -30.92 -35.60 15.60
C VAL B 155 -30.02 -35.84 14.39
N THR B 156 -29.73 -34.78 13.65
CA THR B 156 -28.88 -34.87 12.46
C THR B 156 -27.43 -35.16 12.79
N ALA B 157 -26.75 -35.83 11.87
CA ALA B 157 -25.34 -36.17 12.07
C ALA B 157 -24.52 -34.90 12.21
N GLN B 158 -24.84 -33.88 11.40
CA GLN B 158 -24.14 -32.60 11.41
C GLN B 158 -24.07 -31.97 12.80
N GLU B 159 -25.17 -32.06 13.54
CA GLU B 159 -25.24 -31.51 14.89
C GLU B 159 -24.30 -32.24 15.85
N LEU B 160 -24.27 -33.55 15.72
CA LEU B 160 -23.41 -34.37 16.58
C LEU B 160 -21.95 -34.13 16.21
N ASP B 161 -21.70 -34.16 14.90
CA ASP B 161 -20.36 -33.96 14.36
C ASP B 161 -19.81 -32.61 14.87
N TYR B 162 -20.59 -31.56 14.72
CA TYR B 162 -20.17 -30.25 15.18
C TYR B 162 -19.85 -30.32 16.68
N LEU B 163 -20.78 -30.87 17.45
CA LEU B 163 -20.62 -31.00 18.90
C LEU B 163 -19.41 -31.82 19.32
N THR B 164 -19.02 -32.76 18.47
CA THR B 164 -17.89 -33.65 18.70
C THR B 164 -16.57 -32.96 18.36
N ARG B 165 -16.45 -32.46 17.12
CA ARG B 165 -15.23 -31.79 16.70
C ARG B 165 -14.98 -30.56 17.57
N HIS B 166 -16.06 -29.91 17.99
CA HIS B 166 -15.97 -28.73 18.83
C HIS B 166 -15.12 -29.03 20.07
N TYR B 167 -15.51 -30.05 20.83
CA TYR B 167 -14.77 -30.44 22.04
C TYR B 167 -13.33 -30.76 21.68
N LEU B 168 -13.15 -31.55 20.61
CA LEU B 168 -11.81 -31.94 20.16
C LEU B 168 -10.91 -30.74 19.91
N VAL B 169 -11.45 -29.70 19.28
CA VAL B 169 -10.69 -28.49 18.98
C VAL B 169 -10.13 -27.82 20.21
N LYS B 170 -11.00 -27.57 21.19
CA LYS B 170 -10.60 -26.90 22.44
C LYS B 170 -9.74 -27.73 23.37
N ASN B 171 -9.90 -29.05 23.36
CA ASN B 171 -9.13 -29.90 24.25
C ASN B 171 -7.97 -30.69 23.66
N LYS B 172 -8.05 -30.96 22.35
CA LYS B 172 -7.00 -31.72 21.69
C LYS B 172 -6.32 -30.96 20.56
N LYS B 173 -6.70 -29.69 20.38
CA LYS B 173 -6.13 -28.83 19.34
C LYS B 173 -6.25 -29.51 17.99
N LEU B 174 -7.38 -30.17 17.78
CA LEU B 174 -7.67 -30.87 16.53
C LEU B 174 -7.37 -29.98 15.32
N TYR B 175 -7.92 -28.77 15.35
CA TYR B 175 -7.70 -27.82 14.26
C TYR B 175 -7.04 -26.61 14.85
N GLU B 176 -5.96 -26.18 14.22
CA GLU B 176 -5.21 -25.02 14.67
C GLU B 176 -5.21 -24.00 13.53
N PHE B 177 -4.61 -22.83 13.77
CA PHE B 177 -4.57 -21.78 12.75
C PHE B 177 -3.97 -22.21 11.42
N ASN B 178 -2.81 -22.85 11.49
CA ASN B 178 -2.14 -23.29 10.27
C ASN B 178 -2.38 -24.72 9.91
N ASN B 179 -2.23 -25.61 10.87
CA ASN B 179 -2.44 -27.01 10.57
C ASN B 179 -3.14 -27.77 11.68
N SER B 180 -2.77 -29.04 11.84
CA SER B 180 -3.34 -29.91 12.84
C SER B 180 -2.26 -30.85 13.35
N PRO B 181 -2.40 -31.31 14.61
CA PRO B 181 -1.44 -32.21 15.23
C PRO B 181 -1.63 -33.63 14.71
N TYR B 182 -2.68 -33.82 13.92
CA TYR B 182 -3.00 -35.14 13.38
C TYR B 182 -2.92 -35.19 11.88
N GLU B 183 -2.37 -36.29 11.38
CA GLU B 183 -2.22 -36.52 9.95
C GLU B 183 -3.54 -36.84 9.26
N THR B 184 -4.33 -37.75 9.86
CA THR B 184 -5.62 -38.13 9.29
C THR B 184 -6.65 -38.24 10.40
N GLY B 185 -7.90 -38.35 10.01
CA GLY B 185 -8.97 -38.46 10.97
C GLY B 185 -10.32 -38.56 10.30
N TYR B 186 -11.23 -39.27 10.96
CA TYR B 186 -12.59 -39.45 10.48
C TYR B 186 -13.50 -39.79 11.67
N ILE B 187 -14.74 -39.35 11.60
CA ILE B 187 -15.70 -39.61 12.66
C ILE B 187 -16.69 -40.65 12.15
N LYS B 188 -16.84 -41.72 12.92
CA LYS B 188 -17.73 -42.80 12.57
C LYS B 188 -19.03 -42.82 13.37
N PHE B 189 -20.14 -42.60 12.66
CA PHE B 189 -21.46 -42.60 13.27
C PHE B 189 -22.04 -43.99 13.11
N ILE B 190 -22.18 -44.71 14.22
CA ILE B 190 -22.72 -46.04 14.16
C ILE B 190 -24.06 -46.12 14.88
N GLU B 191 -25.11 -46.46 14.15
CA GLU B 191 -26.44 -46.56 14.73
C GLU B 191 -26.65 -47.94 15.32
N ASN B 192 -27.05 -48.87 14.47
CA ASN B 192 -27.34 -50.25 14.84
C ASN B 192 -26.23 -51.11 14.22
N GLU B 193 -26.48 -51.60 13.02
CA GLU B 193 -25.52 -52.43 12.28
C GLU B 193 -24.98 -51.49 11.20
N ASN B 194 -25.81 -50.50 10.86
CA ASN B 194 -25.48 -49.49 9.88
C ASN B 194 -24.55 -48.45 10.48
N SER B 195 -23.61 -47.96 9.68
CA SER B 195 -22.65 -46.97 10.13
C SER B 195 -22.15 -46.17 8.93
N PHE B 196 -21.78 -44.92 9.21
CA PHE B 196 -21.27 -44.01 8.19
C PHE B 196 -20.16 -43.19 8.84
N TRP B 197 -19.24 -42.68 8.03
CA TRP B 197 -18.14 -41.88 8.54
C TRP B 197 -17.85 -40.65 7.72
N TYR B 198 -17.21 -39.67 8.35
CA TYR B 198 -16.85 -38.41 7.70
C TYR B 198 -15.35 -38.12 7.80
N ASP B 199 -14.78 -37.69 6.68
CA ASP B 199 -13.36 -37.34 6.62
C ASP B 199 -13.25 -35.96 7.29
N MET B 200 -12.49 -35.90 8.37
CA MET B 200 -12.32 -34.64 9.10
C MET B 200 -11.28 -33.68 8.48
N MET B 201 -10.40 -34.18 7.63
CA MET B 201 -9.37 -33.35 7.00
C MET B 201 -9.77 -32.76 5.66
N PRO B 202 -9.23 -31.58 5.33
CA PRO B 202 -9.49 -30.84 4.08
C PRO B 202 -8.76 -31.44 2.87
N ALA B 203 -9.29 -31.15 1.68
CA ALA B 203 -8.71 -31.65 0.44
C ALA B 203 -7.33 -31.06 0.22
N PRO B 204 -6.49 -31.75 -0.56
CA PRO B 204 -5.12 -31.33 -0.89
C PRO B 204 -5.08 -29.97 -1.59
N GLY B 205 -3.98 -29.26 -1.43
CA GLY B 205 -3.87 -27.96 -2.07
C GLY B 205 -3.53 -26.85 -1.10
N ASP B 206 -3.62 -25.61 -1.59
CA ASP B 206 -3.32 -24.45 -0.80
C ASP B 206 -4.54 -23.59 -0.46
N LYS B 207 -5.74 -24.13 -0.67
CA LYS B 207 -6.96 -23.39 -0.39
C LYS B 207 -8.11 -24.28 0.09
N PHE B 208 -8.82 -23.82 1.13
CA PHE B 208 -9.94 -24.57 1.70
C PHE B 208 -11.27 -23.92 1.36
N ASP B 209 -12.14 -24.68 0.71
CA ASP B 209 -13.44 -24.17 0.34
C ASP B 209 -14.49 -24.63 1.34
N GLN B 210 -14.87 -23.75 2.26
CA GLN B 210 -15.86 -24.06 3.29
C GLN B 210 -17.21 -24.39 2.68
N SER B 211 -17.55 -23.70 1.60
CA SER B 211 -18.81 -23.92 0.94
C SER B 211 -18.91 -25.36 0.40
N LYS B 212 -17.83 -25.84 -0.21
CA LYS B 212 -17.80 -27.20 -0.76
C LYS B 212 -17.77 -28.25 0.35
N TYR B 213 -17.02 -27.98 1.41
CA TYR B 213 -16.92 -28.93 2.52
C TYR B 213 -18.26 -29.15 3.21
N LEU B 214 -18.87 -28.07 3.69
CA LEU B 214 -20.16 -28.18 4.37
C LEU B 214 -21.24 -28.82 3.52
N MET B 215 -21.05 -28.79 2.21
CA MET B 215 -22.02 -29.37 1.27
C MET B 215 -22.29 -30.86 1.57
N MET B 216 -21.42 -31.48 2.35
CA MET B 216 -21.57 -32.89 2.71
C MET B 216 -22.74 -33.07 3.67
N TYR B 217 -23.32 -31.96 4.09
CA TYR B 217 -24.43 -31.98 5.03
C TYR B 217 -25.80 -31.73 4.39
N ASN B 218 -25.82 -31.52 3.08
CA ASN B 218 -27.08 -31.25 2.37
C ASN B 218 -28.09 -32.40 2.35
N ASP B 219 -27.63 -33.60 2.69
CA ASP B 219 -28.51 -34.77 2.71
C ASP B 219 -29.45 -34.75 3.91
N ASN B 220 -29.15 -33.86 4.86
CA ASN B 220 -29.93 -33.70 6.08
C ASN B 220 -30.05 -35.05 6.81
N LYS B 221 -28.97 -35.82 6.73
CA LYS B 221 -28.90 -37.13 7.37
C LYS B 221 -29.21 -37.04 8.85
N MET B 222 -30.24 -37.74 9.28
CA MET B 222 -30.63 -37.76 10.68
C MET B 222 -30.18 -39.05 11.33
N VAL B 223 -30.25 -39.10 12.64
CA VAL B 223 -29.80 -40.27 13.35
C VAL B 223 -30.59 -40.34 14.67
N ASP B 224 -30.89 -41.54 15.14
CA ASP B 224 -31.65 -41.71 16.36
C ASP B 224 -30.75 -41.46 17.56
N SER B 225 -31.11 -40.47 18.37
CA SER B 225 -30.32 -40.10 19.57
C SER B 225 -30.12 -41.21 20.59
N LYS B 226 -30.91 -42.28 20.49
CA LYS B 226 -30.77 -43.39 21.43
C LYS B 226 -29.93 -44.50 20.79
N ASP B 227 -29.95 -44.57 19.47
CA ASP B 227 -29.21 -45.60 18.74
C ASP B 227 -27.93 -45.06 18.09
N VAL B 228 -27.16 -44.26 18.81
CA VAL B 228 -25.92 -43.71 18.25
C VAL B 228 -24.67 -43.83 19.10
N LYS B 229 -23.62 -44.38 18.49
CA LYS B 229 -22.34 -44.57 19.14
C LYS B 229 -21.30 -43.89 18.25
N ILE B 230 -20.79 -42.74 18.71
CA ILE B 230 -19.80 -41.96 17.98
C ILE B 230 -18.37 -42.38 18.26
N GLU B 231 -17.58 -42.57 17.21
CA GLU B 231 -16.19 -42.96 17.36
C GLU B 231 -15.27 -42.17 16.42
N VAL B 232 -14.31 -41.47 17.00
CA VAL B 232 -13.36 -40.68 16.22
C VAL B 232 -11.99 -41.33 16.17
N TYR B 233 -11.48 -41.51 14.94
CA TYR B 233 -10.17 -42.13 14.73
C TYR B 233 -9.18 -41.12 14.16
N LEU B 234 -8.14 -40.81 14.94
CA LEU B 234 -7.12 -39.83 14.56
C LEU B 234 -5.71 -40.42 14.52
N THR B 235 -4.90 -39.94 13.57
CA THR B 235 -3.53 -40.39 13.44
C THR B 235 -2.63 -39.22 13.81
N THR B 236 -1.73 -39.44 14.76
CA THR B 236 -0.82 -38.37 15.18
C THR B 236 0.32 -38.12 14.19
N LYS B 237 0.93 -36.95 14.29
CA LYS B 237 2.05 -36.58 13.43
C LYS B 237 3.31 -37.25 13.98
N LYS B 238 4.13 -37.82 13.10
CA LYS B 238 5.35 -38.47 13.55
C LYS B 238 6.49 -37.45 13.62
N LYS B 239 6.57 -36.75 14.75
CA LYS B 239 7.62 -35.75 14.95
C LYS B 239 8.91 -36.42 15.42
N ALA C 1 -7.97 11.61 -10.09
CA ALA C 1 -7.64 10.33 -10.81
C ALA C 1 -6.13 10.21 -11.07
N VAL C 2 -5.64 8.96 -11.03
CA VAL C 2 -4.24 8.64 -11.26
C VAL C 2 -4.20 7.65 -12.43
N THR C 3 -3.78 8.13 -13.59
CA THR C 3 -3.71 7.31 -14.77
C THR C 3 -2.28 6.86 -15.06
N GLN C 4 -2.14 5.61 -15.52
CA GLN C 4 -0.82 5.06 -15.84
C GLN C 4 -0.74 4.74 -17.33
N SER C 5 0.42 4.99 -17.92
CA SER C 5 0.63 4.74 -19.34
C SER C 5 2.03 4.15 -19.58
N PRO C 6 2.09 2.96 -20.18
CA PRO C 6 0.95 2.16 -20.63
C PRO C 6 0.44 1.28 -19.49
N ARG C 7 -0.61 0.51 -19.78
CA ARG C 7 -1.19 -0.39 -18.79
C ARG C 7 -0.46 -1.71 -18.86
N ASN C 8 0.03 -2.05 -20.04
CA ASN C 8 0.75 -3.29 -20.27
C ASN C 8 1.88 -2.96 -21.21
N LYS C 9 3.00 -3.64 -21.06
CA LYS C 9 4.15 -3.40 -21.91
C LYS C 9 5.12 -4.56 -21.79
N VAL C 10 5.59 -5.02 -22.95
CA VAL C 10 6.53 -6.12 -23.04
C VAL C 10 7.69 -5.52 -23.82
N ALA C 11 8.90 -5.61 -23.28
CA ALA C 11 10.07 -5.06 -23.95
C ALA C 11 11.28 -5.96 -23.96
N VAL C 12 12.23 -5.67 -24.84
CA VAL C 12 13.46 -6.44 -24.97
C VAL C 12 14.55 -5.94 -24.04
N THR C 13 15.42 -6.84 -23.61
CA THR C 13 16.52 -6.50 -22.73
C THR C 13 17.44 -5.48 -23.41
N GLY C 14 17.77 -4.41 -22.69
CA GLY C 14 18.64 -3.37 -23.22
C GLY C 14 17.86 -2.17 -23.74
N GLY C 15 16.58 -2.38 -24.00
CA GLY C 15 15.74 -1.32 -24.51
C GLY C 15 15.34 -0.31 -23.45
N LYS C 16 14.99 0.90 -23.90
CA LYS C 16 14.58 1.95 -23.00
C LYS C 16 13.08 1.82 -22.81
N VAL C 17 12.61 2.12 -21.61
CA VAL C 17 11.19 2.03 -21.26
C VAL C 17 10.85 3.20 -20.33
N THR C 18 9.72 3.85 -20.58
CA THR C 18 9.27 4.96 -19.76
C THR C 18 7.80 4.78 -19.45
N LEU C 19 7.47 4.84 -18.16
CA LEU C 19 6.10 4.70 -17.71
C LEU C 19 5.68 6.09 -17.22
N SER C 20 4.55 6.57 -17.71
CA SER C 20 4.04 7.88 -17.34
C SER C 20 2.90 7.76 -16.35
N CYS C 21 2.68 8.83 -15.60
CA CYS C 21 1.61 8.87 -14.61
C CYS C 21 1.00 10.25 -14.63
N GLN C 22 -0.33 10.31 -14.74
CA GLN C 22 -1.05 11.57 -14.79
C GLN C 22 -2.09 11.62 -13.67
N GLN C 23 -1.99 12.61 -12.79
CA GLN C 23 -2.97 12.72 -11.71
C GLN C 23 -3.83 13.95 -11.93
N THR C 24 -5.02 13.96 -11.32
CA THR C 24 -5.93 15.10 -11.44
C THR C 24 -6.36 15.48 -10.03
N ASN C 25 -5.54 15.13 -9.05
CA ASN C 25 -5.84 15.41 -7.66
C ASN C 25 -5.10 16.63 -7.12
N ASN C 26 -4.22 17.20 -7.93
CA ASN C 26 -3.43 18.37 -7.54
C ASN C 26 -2.62 18.04 -6.27
N HIS C 27 -2.01 16.86 -6.29
CA HIS C 27 -1.20 16.40 -5.16
C HIS C 27 0.27 16.75 -5.36
N ASN C 28 0.90 17.22 -4.29
CA ASN C 28 2.31 17.58 -4.38
C ASN C 28 3.13 16.32 -4.49
N ASN C 29 2.81 15.34 -3.65
CA ASN C 29 3.52 14.07 -3.64
C ASN C 29 3.00 13.02 -4.62
N MET C 30 3.94 12.33 -5.27
CA MET C 30 3.63 11.26 -6.24
C MET C 30 4.66 10.16 -6.03
N TYR C 31 4.27 8.92 -6.32
CA TYR C 31 5.17 7.79 -6.11
C TYR C 31 5.17 6.75 -7.25
N TRP C 32 6.22 5.94 -7.29
CA TRP C 32 6.35 4.88 -8.28
C TRP C 32 6.85 3.62 -7.56
N TYR C 33 6.00 2.60 -7.49
CA TYR C 33 6.32 1.34 -6.82
C TYR C 33 6.28 0.19 -7.82
N ARG C 34 6.67 -0.99 -7.34
CA ARG C 34 6.67 -2.22 -8.13
C ARG C 34 6.22 -3.37 -7.21
N GLN C 35 5.20 -4.09 -7.66
CA GLN C 35 4.62 -5.22 -6.93
C GLN C 35 5.28 -6.51 -7.40
N ASP C 36 5.70 -7.35 -6.46
CA ASP C 36 6.34 -8.61 -6.81
C ASP C 36 5.81 -9.69 -5.90
N THR C 37 5.40 -10.83 -6.47
CA THR C 37 4.87 -11.95 -5.69
C THR C 37 5.97 -12.53 -4.82
N GLY C 38 5.97 -12.16 -3.55
CA GLY C 38 6.99 -12.64 -2.63
C GLY C 38 7.44 -11.43 -1.87
N HIS C 39 7.82 -10.41 -2.64
CA HIS C 39 8.26 -9.15 -2.07
C HIS C 39 6.92 -8.40 -1.96
N GLY C 40 6.87 -7.27 -1.28
CA GLY C 40 5.59 -6.60 -1.21
C GLY C 40 5.53 -5.53 -2.27
N LEU C 41 5.16 -4.34 -1.84
CA LEU C 41 5.06 -3.19 -2.70
C LEU C 41 6.29 -2.37 -2.30
N ARG C 42 7.25 -2.23 -3.22
CA ARG C 42 8.48 -1.48 -2.95
C ARG C 42 8.55 -0.16 -3.69
N LEU C 43 8.94 0.89 -2.96
CA LEU C 43 9.06 2.23 -3.52
C LEU C 43 10.38 2.33 -4.28
N ILE C 44 10.31 2.83 -5.51
CA ILE C 44 11.49 2.99 -6.33
C ILE C 44 12.00 4.44 -6.20
N HIS C 45 11.14 5.39 -6.56
CA HIS C 45 11.44 6.83 -6.51
C HIS C 45 10.15 7.58 -6.23
N TYR C 46 10.25 8.68 -5.51
CA TYR C 46 9.09 9.48 -5.21
C TYR C 46 9.39 10.96 -5.45
N SER C 47 8.37 11.79 -5.34
CA SER C 47 8.50 13.21 -5.56
C SER C 47 7.75 14.01 -4.50
N TYR C 48 8.33 15.16 -4.14
CA TYR C 48 7.76 16.05 -3.15
C TYR C 48 7.00 17.18 -3.83
N GLY C 49 7.25 17.34 -5.12
CA GLY C 49 6.60 18.38 -5.90
C GLY C 49 7.29 18.47 -7.25
N ALA C 50 6.86 19.41 -8.09
CA ALA C 50 7.47 19.57 -9.41
C ALA C 50 8.97 19.77 -9.27
N GLY C 51 9.73 19.18 -10.18
CA GLY C 51 11.16 19.28 -10.14
C GLY C 51 11.80 18.49 -9.01
N SER C 52 11.00 17.76 -8.24
CA SER C 52 11.51 16.97 -7.12
C SER C 52 11.56 15.48 -7.45
N THR C 53 12.68 14.84 -7.11
CA THR C 53 12.86 13.42 -7.34
C THR C 53 13.74 12.84 -6.23
N GLU C 54 13.13 12.06 -5.35
CA GLU C 54 13.85 11.44 -4.24
C GLU C 54 13.88 9.94 -4.48
N LYS C 55 14.86 9.25 -3.92
CA LYS C 55 14.95 7.81 -4.12
C LYS C 55 14.27 7.02 -3.00
N GLY C 56 13.58 5.94 -3.38
CA GLY C 56 12.90 5.11 -2.43
C GLY C 56 13.73 3.94 -1.96
N ASP C 57 13.05 2.84 -1.65
CA ASP C 57 13.70 1.63 -1.17
C ASP C 57 14.64 1.03 -2.21
N ILE C 58 14.17 0.95 -3.45
CA ILE C 58 14.98 0.36 -4.52
C ILE C 58 15.14 1.19 -5.81
N PRO C 59 15.88 2.32 -5.74
CA PRO C 59 16.11 3.20 -6.89
C PRO C 59 16.93 2.57 -8.02
N ASP C 60 17.74 1.59 -7.67
CA ASP C 60 18.60 0.87 -8.59
C ASP C 60 18.06 0.65 -10.00
N GLY C 61 18.80 1.13 -10.98
CA GLY C 61 18.40 0.96 -12.36
C GLY C 61 17.16 1.70 -12.84
N TYR C 62 16.73 2.68 -12.07
CA TYR C 62 15.56 3.44 -12.46
C TYR C 62 15.81 4.92 -12.27
N LYS C 63 15.28 5.70 -13.18
CA LYS C 63 15.40 7.13 -13.13
C LYS C 63 13.97 7.62 -13.02
N ALA C 64 13.76 8.92 -12.94
CA ALA C 64 12.41 9.43 -12.83
C ALA C 64 12.41 10.90 -13.12
N SER C 65 11.23 11.47 -13.28
CA SER C 65 11.11 12.88 -13.58
C SER C 65 9.72 13.43 -13.29
N ARG C 66 9.67 14.52 -12.53
CA ARG C 66 8.41 15.17 -12.16
C ARG C 66 8.42 16.54 -12.86
N PRO C 67 8.16 16.58 -14.18
CA PRO C 67 8.16 17.84 -14.93
C PRO C 67 7.08 18.83 -14.53
N SER C 68 5.99 18.33 -13.96
CA SER C 68 4.89 19.16 -13.53
C SER C 68 4.16 18.51 -12.37
N GLN C 69 3.15 19.20 -11.85
CA GLN C 69 2.37 18.70 -10.72
C GLN C 69 1.59 17.43 -11.07
N GLU C 70 1.19 17.31 -12.33
CA GLU C 70 0.41 16.17 -12.81
C GLU C 70 1.20 15.02 -13.43
N GLN C 71 2.46 15.26 -13.77
CA GLN C 71 3.27 14.22 -14.39
C GLN C 71 4.49 13.77 -13.57
N PHE C 72 4.68 12.47 -13.52
CA PHE C 72 5.78 11.83 -12.80
C PHE C 72 6.05 10.56 -13.59
N SER C 73 7.22 10.49 -14.21
CA SER C 73 7.57 9.33 -15.02
C SER C 73 8.69 8.49 -14.42
N LEU C 74 8.63 7.18 -14.70
CA LEU C 74 9.62 6.21 -14.24
C LEU C 74 10.38 5.82 -15.48
N ILE C 75 11.70 5.97 -15.45
CA ILE C 75 12.53 5.65 -16.61
C ILE C 75 13.51 4.52 -16.42
N LEU C 76 13.43 3.56 -17.34
CA LEU C 76 14.30 2.39 -17.36
C LEU C 76 15.07 2.56 -18.66
N GLU C 77 16.32 3.02 -18.56
CA GLU C 77 17.17 3.24 -19.74
C GLU C 77 17.74 1.96 -20.34
N LEU C 78 18.06 1.01 -19.48
CA LEU C 78 18.61 -0.24 -19.91
C LEU C 78 17.72 -1.33 -19.33
N ALA C 79 16.57 -1.54 -19.97
CA ALA C 79 15.59 -2.55 -19.52
C ALA C 79 16.20 -3.92 -19.30
N THR C 80 15.76 -4.60 -18.25
CA THR C 80 16.28 -5.93 -17.94
C THR C 80 15.17 -6.84 -17.39
N PRO C 81 15.31 -8.17 -17.56
CA PRO C 81 14.35 -9.18 -17.12
C PRO C 81 13.98 -8.98 -15.66
N SER C 82 14.96 -8.52 -14.90
CA SER C 82 14.81 -8.27 -13.47
C SER C 82 13.73 -7.22 -13.22
N GLN C 83 13.50 -6.36 -14.19
CA GLN C 83 12.52 -5.32 -14.06
C GLN C 83 11.13 -5.76 -14.45
N THR C 84 10.95 -7.07 -14.67
CA THR C 84 9.65 -7.61 -15.02
C THR C 84 8.85 -7.49 -13.73
N SER C 85 7.76 -6.73 -13.77
CA SER C 85 6.94 -6.52 -12.59
C SER C 85 5.72 -5.68 -12.94
N VAL C 86 4.81 -5.53 -11.98
CA VAL C 86 3.62 -4.72 -12.15
C VAL C 86 3.98 -3.45 -11.40
N TYR C 87 3.89 -2.31 -12.05
CA TYR C 87 4.22 -1.05 -11.41
C TYR C 87 2.99 -0.26 -11.06
N PHE C 88 3.03 0.39 -9.89
CA PHE C 88 1.92 1.20 -9.42
C PHE C 88 2.32 2.64 -9.15
N CYS C 89 1.46 3.56 -9.56
CA CYS C 89 1.69 4.97 -9.34
C CYS C 89 0.70 5.41 -8.27
N ALA C 90 1.05 6.47 -7.54
CA ALA C 90 0.21 7.01 -6.49
C ALA C 90 0.47 8.49 -6.34
N SER C 91 -0.36 9.16 -5.55
CA SER C 91 -0.22 10.59 -5.31
C SER C 91 -0.94 10.89 -4.02
N GLY C 92 -0.61 12.02 -3.39
CA GLY C 92 -1.27 12.37 -2.16
C GLY C 92 -0.41 12.69 -0.97
N GLY C 93 -0.71 12.01 0.13
CA GLY C 93 0.02 12.21 1.37
C GLY C 93 1.46 11.77 1.41
N GLY C 94 2.02 11.80 2.61
CA GLY C 94 3.42 11.43 2.81
C GLY C 94 3.83 10.02 2.47
N ARG C 95 5.15 9.83 2.36
CA ARG C 95 5.74 8.55 2.05
C ARG C 95 5.48 7.64 3.23
N GLY C 96 4.99 6.44 2.95
CA GLY C 96 4.70 5.50 4.01
C GLY C 96 3.34 5.74 4.63
N SER C 97 2.68 6.81 4.20
CA SER C 97 1.35 7.19 4.68
C SER C 97 0.33 6.81 3.60
N TYR C 98 0.04 5.51 3.52
CA TYR C 98 -0.89 4.98 2.55
C TYR C 98 -2.33 5.45 2.65
N ALA C 99 -2.76 5.87 3.85
CA ALA C 99 -4.13 6.33 4.03
C ALA C 99 -4.40 7.64 3.31
N GLU C 100 -3.33 8.33 2.95
CA GLU C 100 -3.40 9.61 2.26
C GLU C 100 -3.18 9.46 0.74
N GLN C 101 -2.49 8.40 0.36
CA GLN C 101 -2.19 8.14 -1.05
C GLN C 101 -3.34 7.58 -1.87
N PHE C 102 -3.25 7.77 -3.19
CA PHE C 102 -4.24 7.30 -4.14
C PHE C 102 -3.50 6.58 -5.25
N PHE C 103 -3.71 5.27 -5.36
CA PHE C 103 -3.04 4.48 -6.38
C PHE C 103 -3.67 4.47 -7.76
N GLY C 104 -2.90 3.97 -8.71
CA GLY C 104 -3.34 3.86 -10.08
C GLY C 104 -3.61 2.39 -10.36
N PRO C 105 -4.22 2.08 -11.52
CA PRO C 105 -4.55 0.71 -11.93
C PRO C 105 -3.39 -0.26 -12.03
N GLY C 106 -2.18 0.25 -12.20
CA GLY C 106 -1.02 -0.63 -12.31
C GLY C 106 -0.64 -0.90 -13.75
N THR C 107 0.66 -1.14 -13.97
CA THR C 107 1.18 -1.42 -15.29
C THR C 107 1.99 -2.70 -15.32
N ARG C 108 1.61 -3.64 -16.19
CA ARG C 108 2.35 -4.89 -16.27
C ARG C 108 3.49 -4.68 -17.26
N LEU C 109 4.71 -4.96 -16.82
CA LEU C 109 5.87 -4.81 -17.67
C LEU C 109 6.68 -6.10 -17.60
N THR C 110 7.03 -6.63 -18.77
CA THR C 110 7.81 -7.85 -18.84
C THR C 110 8.98 -7.56 -19.74
N VAL C 111 10.17 -7.95 -19.32
CA VAL C 111 11.35 -7.73 -20.13
C VAL C 111 11.90 -9.09 -20.53
N LEU C 112 11.80 -9.37 -21.82
CA LEU C 112 12.28 -10.61 -22.38
C LEU C 112 13.36 -10.35 -23.42
N GLU C 113 14.27 -11.29 -23.55
CA GLU C 113 15.36 -11.17 -24.50
C GLU C 113 15.00 -11.46 -25.96
N ASP C 114 13.71 -11.45 -26.29
CA ASP C 114 13.26 -11.72 -27.64
C ASP C 114 11.74 -11.56 -27.73
N LEU C 115 11.26 -10.52 -28.41
CA LEU C 115 9.81 -10.32 -28.53
C LEU C 115 9.10 -11.48 -29.22
N ARG C 116 9.81 -12.20 -30.08
CA ARG C 116 9.25 -13.34 -30.80
C ARG C 116 8.86 -14.50 -29.88
N GLN C 117 9.13 -14.35 -28.58
CA GLN C 117 8.80 -15.37 -27.59
C GLN C 117 7.33 -15.18 -27.21
N VAL C 118 6.81 -13.99 -27.47
CA VAL C 118 5.44 -13.65 -27.16
C VAL C 118 4.45 -14.48 -27.98
N THR C 119 3.65 -15.28 -27.28
CA THR C 119 2.65 -16.13 -27.92
C THR C 119 1.34 -15.98 -27.19
N PRO C 120 0.23 -15.95 -27.95
CA PRO C 120 -1.13 -15.81 -27.41
C PRO C 120 -1.50 -17.11 -26.69
N PRO C 121 -2.55 -17.09 -25.85
CA PRO C 121 -2.98 -18.29 -25.11
C PRO C 121 -3.90 -19.24 -25.86
N LYS C 122 -3.99 -20.46 -25.33
CA LYS C 122 -4.84 -21.52 -25.88
C LYS C 122 -5.91 -21.76 -24.80
N VAL C 123 -7.16 -21.44 -25.11
CA VAL C 123 -8.26 -21.60 -24.17
C VAL C 123 -9.21 -22.73 -24.58
N SER C 124 -9.62 -23.53 -23.60
CA SER C 124 -10.53 -24.65 -23.83
C SER C 124 -11.49 -24.86 -22.66
N LEU C 125 -12.64 -25.47 -22.95
CA LEU C 125 -13.66 -25.76 -21.95
C LEU C 125 -13.66 -27.24 -21.62
N PHE C 126 -13.78 -27.56 -20.34
CA PHE C 126 -13.79 -28.95 -19.90
C PHE C 126 -14.89 -29.25 -18.90
N GLU C 127 -14.87 -30.46 -18.37
CA GLU C 127 -15.86 -30.93 -17.40
C GLU C 127 -15.30 -32.14 -16.63
N PRO C 128 -15.24 -32.05 -15.29
CA PRO C 128 -14.74 -33.11 -14.41
C PRO C 128 -15.83 -34.14 -14.10
N SER C 129 -15.55 -35.07 -13.19
CA SER C 129 -16.53 -36.08 -12.82
C SER C 129 -16.43 -36.47 -11.35
N LYS C 130 -17.55 -36.87 -10.76
CA LYS C 130 -17.58 -37.27 -9.35
C LYS C 130 -16.78 -38.56 -9.20
N ALA C 131 -16.72 -39.32 -10.28
CA ALA C 131 -15.97 -40.57 -10.29
C ALA C 131 -14.54 -40.18 -9.99
N GLU C 132 -14.21 -38.91 -10.24
CA GLU C 132 -12.87 -38.41 -9.99
C GLU C 132 -12.55 -38.03 -8.55
N ILE C 133 -13.29 -38.58 -7.60
CA ILE C 133 -13.09 -38.32 -6.15
C ILE C 133 -14.04 -39.15 -5.30
N ALA C 134 -13.87 -39.01 -3.98
CA ALA C 134 -14.71 -39.70 -3.00
C ALA C 134 -15.29 -38.55 -2.16
N ASN C 135 -15.19 -37.36 -2.74
CA ASN C 135 -15.66 -36.12 -2.12
C ASN C 135 -17.11 -35.84 -2.55
N LYS C 136 -17.35 -34.66 -3.13
CA LYS C 136 -18.69 -34.30 -3.57
C LYS C 136 -18.73 -33.80 -5.02
N GLN C 137 -18.78 -32.49 -5.23
CA GLN C 137 -18.83 -31.93 -6.59
C GLN C 137 -17.58 -31.18 -7.06
N LYS C 138 -16.99 -30.39 -6.16
CA LYS C 138 -15.80 -29.60 -6.48
C LYS C 138 -16.12 -28.42 -7.41
N ALA C 139 -16.36 -28.69 -8.68
CA ALA C 139 -16.68 -27.65 -9.67
C ALA C 139 -17.20 -28.25 -10.96
N THR C 140 -18.16 -27.57 -11.59
CA THR C 140 -18.75 -28.03 -12.85
C THR C 140 -17.85 -27.70 -14.04
N LEU C 141 -18.03 -26.53 -14.65
CA LEU C 141 -17.20 -26.16 -15.81
C LEU C 141 -15.77 -25.77 -15.46
N VAL C 142 -14.86 -26.13 -16.35
CA VAL C 142 -13.46 -25.82 -16.14
C VAL C 142 -12.86 -25.20 -17.41
N CYS C 143 -12.08 -24.14 -17.23
CA CYS C 143 -11.43 -23.45 -18.33
C CYS C 143 -9.93 -23.47 -18.07
N LEU C 144 -9.16 -23.62 -19.14
CA LEU C 144 -7.72 -23.67 -19.04
C LEU C 144 -7.05 -22.92 -20.18
N ALA C 145 -6.29 -21.90 -19.82
CA ALA C 145 -5.57 -21.08 -20.79
C ALA C 145 -4.11 -21.53 -20.65
N ARG C 146 -3.46 -21.87 -21.77
CA ARG C 146 -2.09 -22.31 -21.73
C ARG C 146 -1.29 -21.96 -22.97
N GLY C 147 0.02 -22.17 -22.88
CA GLY C 147 0.91 -21.90 -24.00
C GLY C 147 1.09 -20.42 -24.29
N PHE C 148 0.72 -19.56 -23.35
CA PHE C 148 0.87 -18.13 -23.57
C PHE C 148 2.12 -17.57 -22.90
N PHE C 149 2.55 -16.41 -23.36
CA PHE C 149 3.74 -15.78 -22.81
C PHE C 149 3.86 -14.39 -23.43
N PRO C 150 4.05 -13.34 -22.60
CA PRO C 150 4.16 -13.31 -21.13
C PRO C 150 2.82 -13.57 -20.43
N ASP C 151 2.80 -13.45 -19.12
CA ASP C 151 1.57 -13.69 -18.39
C ASP C 151 0.64 -12.50 -18.18
N HIS C 152 0.39 -11.75 -19.25
CA HIS C 152 -0.50 -10.59 -19.17
C HIS C 152 -1.89 -11.02 -19.62
N VAL C 153 -2.62 -11.70 -18.74
CA VAL C 153 -3.95 -12.19 -19.07
C VAL C 153 -5.00 -12.01 -17.99
N GLU C 154 -6.26 -12.04 -18.41
CA GLU C 154 -7.41 -11.90 -17.51
C GLU C 154 -8.46 -12.91 -17.94
N LEU C 155 -8.95 -13.70 -17.00
CA LEU C 155 -9.96 -14.71 -17.31
C LEU C 155 -11.26 -14.37 -16.62
N SER C 156 -12.39 -14.62 -17.31
CA SER C 156 -13.72 -14.33 -16.77
C SER C 156 -14.80 -15.29 -17.28
N TRP C 157 -15.95 -15.31 -16.60
CA TRP C 157 -17.08 -16.17 -16.95
C TRP C 157 -18.33 -15.38 -17.31
N TRP C 158 -18.96 -15.74 -18.43
CA TRP C 158 -20.17 -15.06 -18.88
C TRP C 158 -21.29 -16.04 -19.25
N VAL C 159 -22.25 -16.24 -18.35
CA VAL C 159 -23.36 -17.14 -18.62
C VAL C 159 -24.54 -16.35 -19.21
N ASN C 160 -24.85 -16.63 -20.47
CA ASN C 160 -25.94 -15.96 -21.16
C ASN C 160 -25.68 -14.48 -21.43
N GLY C 161 -24.47 -14.20 -21.91
CA GLY C 161 -24.10 -12.84 -22.22
C GLY C 161 -23.86 -11.92 -21.04
N LYS C 162 -23.84 -12.45 -19.83
CA LYS C 162 -23.61 -11.64 -18.65
C LYS C 162 -22.49 -12.20 -17.82
N GLU C 163 -21.61 -11.33 -17.35
CA GLU C 163 -20.48 -11.74 -16.53
C GLU C 163 -20.95 -12.19 -15.15
N VAL C 164 -20.50 -13.38 -14.74
CA VAL C 164 -20.86 -13.93 -13.44
C VAL C 164 -19.66 -13.99 -12.51
N HIS C 165 -19.93 -14.15 -11.22
CA HIS C 165 -18.88 -14.21 -10.21
C HIS C 165 -19.19 -15.33 -9.23
N SER C 166 -20.48 -15.64 -9.10
CA SER C 166 -20.95 -16.69 -8.21
C SER C 166 -20.52 -18.07 -8.66
N GLY C 167 -19.68 -18.71 -7.87
CA GLY C 167 -19.21 -20.03 -8.22
C GLY C 167 -17.93 -20.02 -9.03
N VAL C 168 -17.36 -18.83 -9.24
CA VAL C 168 -16.11 -18.73 -10.00
C VAL C 168 -14.95 -19.02 -9.06
N SER C 169 -14.07 -19.90 -9.49
CA SER C 169 -12.92 -20.28 -8.68
C SER C 169 -11.72 -20.22 -9.61
N THR C 170 -11.15 -19.03 -9.75
CA THR C 170 -10.00 -18.84 -10.63
C THR C 170 -8.66 -19.00 -9.90
N ASP C 171 -7.61 -19.34 -10.65
CA ASP C 171 -6.27 -19.51 -10.08
C ASP C 171 -5.76 -18.16 -9.62
N PRO C 172 -5.15 -18.11 -8.43
CA PRO C 172 -4.62 -16.86 -7.88
C PRO C 172 -3.64 -16.15 -8.82
N GLN C 173 -2.90 -16.93 -9.60
CA GLN C 173 -1.92 -16.38 -10.55
C GLN C 173 -1.45 -17.51 -11.47
N ALA C 174 -1.17 -17.18 -12.72
CA ALA C 174 -0.71 -18.14 -13.72
C ALA C 174 0.58 -18.84 -13.29
N TYR C 175 0.71 -20.10 -13.68
CA TYR C 175 1.88 -20.89 -13.36
C TYR C 175 2.66 -21.21 -14.63
N LYS C 176 3.97 -21.36 -14.50
CA LYS C 176 4.82 -21.67 -15.66
C LYS C 176 4.81 -23.15 -15.96
N GLU C 177 4.37 -23.52 -17.16
CA GLU C 177 4.34 -24.93 -17.56
C GLU C 177 5.65 -25.31 -18.27
N SER C 178 6.46 -24.30 -18.58
CA SER C 178 7.74 -24.51 -19.24
C SER C 178 8.57 -23.25 -19.08
N ASN C 179 9.75 -23.25 -19.70
CA ASN C 179 10.65 -22.11 -19.64
C ASN C 179 10.03 -20.82 -20.17
N TYR C 180 9.26 -20.92 -21.25
CA TYR C 180 8.62 -19.74 -21.83
C TYR C 180 7.15 -20.02 -22.10
N SER C 181 6.41 -20.51 -21.11
CA SER C 181 5.01 -20.79 -21.31
C SER C 181 4.23 -20.79 -20.00
N TYR C 182 3.09 -20.10 -20.01
CA TYR C 182 2.23 -20.00 -18.84
C TYR C 182 0.92 -20.78 -18.99
N CYS C 183 0.35 -21.11 -17.83
CA CYS C 183 -0.89 -21.85 -17.70
C CYS C 183 -1.78 -21.08 -16.73
N LEU C 184 -3.09 -21.26 -16.84
CA LEU C 184 -4.02 -20.57 -15.96
C LEU C 184 -5.38 -21.24 -16.04
N SER C 185 -5.94 -21.64 -14.90
CA SER C 185 -7.23 -22.29 -14.89
C SER C 185 -8.32 -21.58 -14.07
N SER C 186 -9.56 -22.00 -14.29
CA SER C 186 -10.71 -21.44 -13.59
C SER C 186 -11.81 -22.49 -13.56
N ARG C 187 -12.71 -22.37 -12.59
CA ARG C 187 -13.80 -23.31 -12.44
C ARG C 187 -15.13 -22.61 -12.13
N LEU C 188 -16.19 -23.06 -12.80
CA LEU C 188 -17.53 -22.49 -12.62
C LEU C 188 -18.54 -23.53 -12.15
N ARG C 189 -18.91 -23.46 -10.86
CA ARG C 189 -19.86 -24.40 -10.29
C ARG C 189 -21.29 -23.90 -10.47
N VAL C 190 -22.08 -24.63 -11.25
CA VAL C 190 -23.48 -24.28 -11.49
C VAL C 190 -24.38 -25.45 -11.08
N SER C 191 -25.70 -25.26 -11.16
CA SER C 191 -26.63 -26.32 -10.80
C SER C 191 -26.71 -27.35 -11.92
N ALA C 192 -26.93 -28.60 -11.54
CA ALA C 192 -27.04 -29.69 -12.49
C ALA C 192 -28.11 -29.38 -13.53
N THR C 193 -29.23 -28.85 -13.04
CA THR C 193 -30.35 -28.50 -13.92
C THR C 193 -29.93 -27.37 -14.85
N PHE C 194 -29.15 -26.43 -14.33
CA PHE C 194 -28.69 -25.29 -15.12
C PHE C 194 -27.85 -25.81 -16.27
N TRP C 195 -26.83 -26.60 -15.96
CA TRP C 195 -25.96 -27.16 -16.96
C TRP C 195 -26.71 -28.06 -17.92
N HIS C 196 -27.71 -28.77 -17.41
CA HIS C 196 -28.51 -29.66 -18.23
C HIS C 196 -29.57 -28.97 -19.07
N ASN C 197 -29.72 -27.68 -18.87
CA ASN C 197 -30.68 -26.89 -19.61
C ASN C 197 -29.97 -26.45 -20.88
N PRO C 198 -30.30 -27.08 -22.03
CA PRO C 198 -29.72 -26.78 -23.34
C PRO C 198 -29.93 -25.36 -23.82
N ARG C 199 -30.68 -24.59 -23.04
CA ARG C 199 -30.97 -23.22 -23.38
C ARG C 199 -29.93 -22.25 -22.82
N ASN C 200 -29.16 -22.70 -21.83
CA ASN C 200 -28.13 -21.87 -21.21
C ASN C 200 -26.84 -21.87 -22.02
N HIS C 201 -26.19 -20.71 -22.05
CA HIS C 201 -24.94 -20.55 -22.78
C HIS C 201 -23.83 -20.13 -21.83
N PHE C 202 -22.71 -20.83 -21.90
CA PHE C 202 -21.55 -20.53 -21.05
C PHE C 202 -20.39 -19.99 -21.88
N ARG C 203 -19.53 -19.20 -21.24
CA ARG C 203 -18.40 -18.62 -21.93
C ARG C 203 -17.26 -18.25 -20.99
N CYS C 204 -16.05 -18.64 -21.41
CA CYS C 204 -14.82 -18.38 -20.67
C CYS C 204 -13.97 -17.40 -21.46
N GLN C 205 -13.91 -16.15 -21.02
CA GLN C 205 -13.11 -15.15 -21.72
C GLN C 205 -11.70 -15.04 -21.19
N VAL C 206 -10.76 -14.79 -22.10
CA VAL C 206 -9.35 -14.64 -21.76
C VAL C 206 -8.74 -13.47 -22.53
N GLN C 207 -8.42 -12.41 -21.79
CA GLN C 207 -7.84 -11.18 -22.33
C GLN C 207 -6.31 -11.23 -22.28
N PHE C 208 -5.68 -11.37 -23.44
CA PHE C 208 -4.23 -11.42 -23.55
C PHE C 208 -3.70 -10.11 -24.10
N HIS C 209 -2.68 -9.57 -23.43
CA HIS C 209 -2.06 -8.30 -23.82
C HIS C 209 -0.62 -8.53 -24.30
N GLY C 210 -0.43 -8.53 -25.62
CA GLY C 210 0.89 -8.74 -26.20
C GLY C 210 1.46 -7.45 -26.78
N LEU C 211 2.02 -7.53 -27.99
CA LEU C 211 2.59 -6.34 -28.63
C LEU C 211 1.52 -5.37 -29.11
N SER C 212 1.91 -4.12 -29.34
CA SER C 212 0.96 -3.12 -29.79
C SER C 212 1.57 -2.33 -30.94
N GLU C 213 0.87 -1.30 -31.38
CA GLU C 213 1.33 -0.45 -32.48
C GLU C 213 2.65 0.22 -32.11
N GLU C 214 2.84 0.52 -30.84
CA GLU C 214 4.05 1.17 -30.35
C GLU C 214 5.23 0.20 -30.26
N ASP C 215 4.93 -1.10 -30.18
CA ASP C 215 5.97 -2.11 -30.09
C ASP C 215 6.60 -2.39 -31.44
N LYS C 216 7.91 -2.51 -31.44
CA LYS C 216 8.65 -2.78 -32.67
C LYS C 216 8.70 -4.27 -32.92
N TRP C 217 7.87 -4.73 -33.85
CA TRP C 217 7.80 -6.13 -34.20
C TRP C 217 8.77 -6.53 -35.31
N PRO C 218 9.60 -7.56 -35.06
CA PRO C 218 10.57 -8.03 -36.06
C PRO C 218 9.81 -8.50 -37.29
N GLU C 219 9.79 -7.65 -38.31
CA GLU C 219 9.10 -7.95 -39.57
C GLU C 219 9.40 -9.34 -40.11
N GLY C 220 8.35 -10.00 -40.60
CA GLY C 220 8.48 -11.34 -41.14
C GLY C 220 7.36 -12.22 -40.59
N SER C 221 7.54 -12.65 -39.35
CA SER C 221 6.55 -13.49 -38.68
C SER C 221 5.31 -12.67 -38.37
N PRO C 222 4.19 -13.33 -38.04
CA PRO C 222 2.96 -12.61 -37.73
C PRO C 222 3.09 -11.90 -36.39
N LYS C 223 2.62 -10.65 -36.31
CA LYS C 223 2.70 -9.90 -35.06
C LYS C 223 1.54 -10.26 -34.13
N PRO C 224 1.86 -10.87 -32.98
CA PRO C 224 0.91 -11.30 -31.94
C PRO C 224 0.10 -10.14 -31.38
N VAL C 225 -0.88 -9.67 -32.14
CA VAL C 225 -1.72 -8.57 -31.69
C VAL C 225 -3.12 -9.06 -31.30
N THR C 226 -3.19 -10.31 -30.85
CA THR C 226 -4.46 -10.93 -30.44
C THR C 226 -5.01 -10.16 -29.23
N GLN C 227 -6.22 -10.51 -28.80
CA GLN C 227 -6.84 -9.85 -27.66
C GLN C 227 -7.67 -10.79 -26.81
N ASN C 228 -8.98 -10.83 -27.05
CA ASN C 228 -9.84 -11.71 -26.27
C ASN C 228 -10.20 -13.04 -26.94
N ILE C 229 -9.85 -14.12 -26.27
CA ILE C 229 -10.12 -15.46 -26.76
C ILE C 229 -11.20 -16.05 -25.87
N SER C 230 -12.12 -16.80 -26.47
CA SER C 230 -13.21 -17.37 -25.72
C SER C 230 -13.45 -18.84 -26.00
N ALA C 231 -14.03 -19.52 -25.02
CA ALA C 231 -14.36 -20.93 -25.12
C ALA C 231 -15.81 -20.96 -24.70
N GLU C 232 -16.69 -21.29 -25.64
CA GLU C 232 -18.12 -21.34 -25.36
C GLU C 232 -18.75 -22.72 -25.34
N ALA C 233 -19.93 -22.81 -24.73
CA ALA C 233 -20.67 -24.06 -24.62
C ALA C 233 -22.13 -23.81 -24.30
N TRP C 234 -22.94 -24.86 -24.42
CA TRP C 234 -24.38 -24.82 -24.16
C TRP C 234 -24.75 -25.95 -23.21
N GLY C 235 -25.91 -25.82 -22.56
CA GLY C 235 -26.36 -26.84 -21.64
C GLY C 235 -26.60 -28.18 -22.32
N ARG C 236 -26.15 -29.25 -21.67
CA ARG C 236 -26.32 -30.60 -22.24
C ARG C 236 -27.47 -31.33 -21.54
N ALA C 237 -28.04 -32.31 -22.24
CA ALA C 237 -29.17 -33.10 -21.72
C ALA C 237 -29.00 -33.54 -20.25
N ASP C 238 -30.12 -33.91 -19.64
CA ASP C 238 -30.14 -34.35 -18.24
C ASP C 238 -29.21 -35.53 -17.97
N GLU D 1 41.42 39.71 -5.52
CA GLU D 1 40.34 38.91 -4.86
C GLU D 1 39.88 39.65 -3.62
N SER D 2 38.59 39.53 -3.31
CA SER D 2 38.01 40.17 -2.13
C SER D 2 37.56 39.06 -1.19
N GLN D 3 36.81 38.09 -1.71
CA GLN D 3 36.34 36.97 -0.92
C GLN D 3 37.47 35.95 -0.93
N PRO D 4 37.89 35.48 0.25
CA PRO D 4 38.97 34.48 0.31
C PRO D 4 38.65 33.29 -0.56
N ASP D 5 39.59 32.88 -1.41
CA ASP D 5 39.36 31.73 -2.28
C ASP D 5 39.04 30.46 -1.51
N PRO D 6 38.22 29.59 -2.11
CA PRO D 6 37.85 28.34 -1.47
C PRO D 6 39.04 27.43 -1.30
N LYS D 7 39.38 27.10 -0.06
CA LYS D 7 40.52 26.21 0.14
C LYS D 7 40.02 24.83 -0.33
N PRO D 8 40.93 23.97 -0.80
CA PRO D 8 40.57 22.64 -1.27
C PRO D 8 39.58 21.92 -0.35
N ASP D 9 39.93 21.83 0.93
CA ASP D 9 39.08 21.15 1.89
C ASP D 9 37.90 21.99 2.42
N GLU D 10 37.36 22.87 1.59
CA GLU D 10 36.22 23.71 1.98
C GLU D 10 35.07 23.43 1.04
N LEU D 11 35.42 22.92 -0.13
CA LEU D 11 34.44 22.59 -1.15
C LEU D 11 33.68 21.28 -0.86
N HIS D 12 32.42 21.25 -1.28
CA HIS D 12 31.56 20.08 -1.11
C HIS D 12 32.03 18.97 -2.04
N LYS D 13 32.23 17.77 -1.50
CA LYS D 13 32.67 16.65 -2.31
C LYS D 13 31.38 15.97 -2.75
N SER D 14 31.16 15.87 -4.06
CA SER D 14 29.95 15.25 -4.60
C SER D 14 29.75 13.81 -4.12
N SER D 15 30.83 13.09 -3.87
CA SER D 15 30.71 11.71 -3.41
C SER D 15 30.10 11.58 -2.01
N LYS D 16 30.15 12.66 -1.23
CA LYS D 16 29.57 12.66 0.12
C LYS D 16 28.06 12.89 0.04
N PHE D 17 27.59 13.23 -1.16
CA PHE D 17 26.19 13.46 -1.38
C PHE D 17 25.69 12.17 -1.97
N THR D 18 24.60 11.66 -1.40
CA THR D 18 24.02 10.42 -1.85
C THR D 18 22.50 10.57 -1.88
N GLY D 19 21.98 11.40 -2.78
CA GLY D 19 20.54 11.59 -2.83
C GLY D 19 19.96 12.19 -4.10
N LEU D 20 20.45 11.76 -5.26
CA LEU D 20 19.96 12.27 -6.53
C LEU D 20 20.33 13.70 -6.92
N MET D 21 21.30 13.78 -7.82
CA MET D 21 21.82 15.04 -8.35
C MET D 21 20.80 15.66 -9.30
N GLU D 22 19.77 14.90 -9.65
CA GLU D 22 18.74 15.38 -10.55
C GLU D 22 18.08 16.65 -9.99
N ASN D 23 18.14 16.83 -8.68
CA ASN D 23 17.55 18.00 -8.04
C ASN D 23 18.33 19.29 -8.30
N MET D 24 19.64 19.14 -8.58
CA MET D 24 20.52 20.25 -8.87
C MET D 24 20.43 20.47 -10.37
N LYS D 25 20.60 19.38 -11.11
CA LYS D 25 20.56 19.37 -12.57
C LYS D 25 19.36 20.17 -13.08
N VAL D 26 18.19 19.82 -12.57
CA VAL D 26 16.92 20.45 -12.92
C VAL D 26 16.98 21.97 -12.91
N LEU D 27 17.68 22.53 -11.93
CA LEU D 27 17.83 23.97 -11.78
C LEU D 27 18.58 24.64 -12.93
N TYR D 28 19.51 23.90 -13.55
CA TYR D 28 20.28 24.45 -14.64
C TYR D 28 19.97 23.82 -15.99
N ASP D 29 18.73 23.40 -16.17
CA ASP D 29 18.31 22.83 -17.43
C ASP D 29 17.73 24.00 -18.19
N ASP D 30 17.29 23.73 -19.42
CA ASP D 30 16.73 24.75 -20.30
C ASP D 30 15.64 25.67 -19.72
N ASN D 31 14.96 25.22 -18.68
CA ASN D 31 13.90 26.00 -18.04
C ASN D 31 14.39 26.95 -16.96
N HIS D 32 13.79 28.13 -16.91
CA HIS D 32 14.14 29.19 -15.94
C HIS D 32 13.16 30.34 -16.13
N VAL D 33 13.10 31.26 -15.17
CA VAL D 33 12.21 32.41 -15.26
C VAL D 33 12.91 33.58 -15.96
N SER D 34 12.13 34.35 -16.73
CA SER D 34 12.62 35.52 -17.47
C SER D 34 11.47 36.48 -17.75
N ALA D 35 11.61 37.71 -17.29
CA ALA D 35 10.61 38.73 -17.47
C ALA D 35 11.34 40.03 -17.85
N ILE D 36 10.76 40.78 -18.76
CA ILE D 36 11.38 42.02 -19.18
C ILE D 36 10.40 43.17 -19.09
N ASN D 37 10.82 44.24 -18.43
CA ASN D 37 10.03 45.45 -18.25
C ASN D 37 8.66 45.17 -17.64
N VAL D 38 8.66 44.71 -16.41
CA VAL D 38 7.42 44.41 -15.71
C VAL D 38 7.45 45.04 -14.34
N LYS D 39 6.26 45.21 -13.77
CA LYS D 39 6.11 45.80 -12.46
C LYS D 39 5.50 44.76 -11.53
N SER D 40 5.89 44.77 -10.26
CA SER D 40 5.36 43.82 -9.30
C SER D 40 3.85 44.01 -9.20
N ILE D 41 3.12 42.90 -9.13
CA ILE D 41 1.67 42.96 -9.04
C ILE D 41 1.12 42.62 -7.66
N ASP D 42 1.98 42.19 -6.76
CA ASP D 42 1.54 41.85 -5.42
C ASP D 42 2.77 41.59 -4.56
N GLN D 43 2.53 41.27 -3.30
CA GLN D 43 3.60 40.99 -2.37
C GLN D 43 3.03 40.10 -1.28
N PHE D 44 3.80 39.11 -0.86
CA PHE D 44 3.39 38.18 0.18
C PHE D 44 3.90 38.70 1.53
N LEU D 45 5.22 38.82 1.62
CA LEU D 45 5.90 39.30 2.83
C LEU D 45 6.74 40.52 2.46
N TYR D 46 7.14 41.28 3.46
CA TYR D 46 7.93 42.50 3.25
C TYR D 46 9.21 42.30 2.43
N PHE D 47 9.71 41.07 2.38
CA PHE D 47 10.93 40.77 1.64
C PHE D 47 10.78 40.12 0.27
N ASP D 48 9.55 40.05 -0.26
CA ASP D 48 9.35 39.44 -1.58
C ASP D 48 8.48 40.28 -2.49
N LEU D 49 8.33 39.83 -3.74
CA LEU D 49 7.52 40.53 -4.73
C LEU D 49 6.89 39.53 -5.70
N ILE D 50 5.57 39.57 -5.84
CA ILE D 50 4.86 38.67 -6.73
C ILE D 50 4.80 39.30 -8.12
N TYR D 51 5.29 38.57 -9.13
CA TYR D 51 5.29 39.03 -10.51
C TYR D 51 4.40 38.15 -11.37
N SER D 52 3.58 38.77 -12.22
CA SER D 52 2.72 38.00 -13.09
C SER D 52 3.59 37.58 -14.27
N ILE D 53 4.18 36.40 -14.17
CA ILE D 53 5.02 35.89 -15.25
C ILE D 53 4.48 34.53 -15.58
N LYS D 54 3.89 34.41 -16.77
CA LYS D 54 3.34 33.15 -17.23
C LYS D 54 4.38 32.27 -17.90
N ASP D 55 4.24 30.97 -17.67
CA ASP D 55 5.13 29.98 -18.24
C ASP D 55 4.63 29.69 -19.67
N THR D 56 4.91 30.60 -20.60
CA THR D 56 4.49 30.47 -22.00
C THR D 56 4.69 29.09 -22.62
N LYS D 57 5.79 28.43 -22.27
CA LYS D 57 6.08 27.10 -22.80
C LYS D 57 5.44 25.96 -22.02
N LEU D 58 6.12 25.53 -20.96
CA LEU D 58 5.65 24.45 -20.10
C LEU D 58 4.30 24.68 -19.43
N GLY D 59 4.00 25.93 -19.13
CA GLY D 59 2.74 26.26 -18.49
C GLY D 59 2.64 25.81 -17.05
N ASN D 60 3.74 25.85 -16.34
CA ASN D 60 3.75 25.43 -14.93
C ASN D 60 3.40 26.56 -13.96
N TYR D 61 3.45 27.80 -14.43
CA TYR D 61 3.15 28.93 -13.54
C TYR D 61 2.56 30.14 -14.23
N ASP D 62 2.03 31.04 -13.40
CA ASP D 62 1.43 32.29 -13.86
C ASP D 62 2.04 33.41 -13.02
N ASN D 63 2.34 33.08 -11.78
CA ASN D 63 2.93 34.05 -10.86
C ASN D 63 4.23 33.52 -10.29
N VAL D 64 5.18 34.43 -10.13
CA VAL D 64 6.48 34.09 -9.59
C VAL D 64 6.76 34.95 -8.37
N ARG D 65 7.09 34.30 -7.25
CA ARG D 65 7.41 35.04 -6.04
C ARG D 65 8.91 35.17 -6.05
N VAL D 66 9.39 36.40 -5.88
CA VAL D 66 10.82 36.66 -5.86
C VAL D 66 11.16 37.14 -4.46
N GLU D 67 11.82 36.28 -3.68
CA GLU D 67 12.20 36.61 -2.31
C GLU D 67 13.57 37.27 -2.28
N PHE D 68 13.74 38.22 -1.36
CA PHE D 68 15.00 38.94 -1.23
C PHE D 68 15.66 38.71 0.11
N LYS D 69 16.86 39.26 0.26
CA LYS D 69 17.62 39.13 1.49
C LYS D 69 17.06 40.02 2.60
N ASN D 70 16.39 41.10 2.22
CA ASN D 70 15.82 42.02 3.20
C ASN D 70 14.71 42.90 2.63
N LYS D 71 14.00 43.57 3.53
CA LYS D 71 12.90 44.46 3.19
C LYS D 71 13.35 45.59 2.27
N ASP D 72 14.56 46.09 2.48
CA ASP D 72 15.07 47.17 1.64
C ASP D 72 15.02 46.81 0.17
N LEU D 73 15.57 45.64 -0.16
CA LEU D 73 15.59 45.15 -1.54
C LEU D 73 14.19 45.11 -2.15
N ALA D 74 13.24 44.59 -1.39
CA ALA D 74 11.87 44.50 -1.85
C ALA D 74 11.28 45.90 -2.11
N ASP D 75 11.29 46.75 -1.08
CA ASP D 75 10.78 48.11 -1.17
C ASP D 75 11.41 48.81 -2.36
N LYS D 76 12.71 48.63 -2.52
CA LYS D 76 13.47 49.23 -3.62
C LYS D 76 12.93 48.84 -4.99
N TYR D 77 12.48 47.60 -5.12
CA TYR D 77 11.96 47.16 -6.41
C TYR D 77 10.44 47.16 -6.47
N LYS D 78 9.80 47.36 -5.31
CA LYS D 78 8.35 47.38 -5.24
C LYS D 78 7.86 48.47 -6.18
N ASP D 79 6.90 48.13 -7.02
CA ASP D 79 6.33 49.07 -8.00
C ASP D 79 7.37 49.82 -8.89
N LYS D 80 8.39 49.10 -9.30
CA LYS D 80 9.44 49.63 -10.15
C LYS D 80 9.58 48.65 -11.32
N TYR D 81 9.55 49.15 -12.55
CA TYR D 81 9.68 48.27 -13.71
C TYR D 81 11.08 47.68 -13.84
N VAL D 82 11.16 46.36 -13.69
CA VAL D 82 12.44 45.64 -13.77
C VAL D 82 12.40 44.45 -14.73
N ASP D 83 13.51 43.73 -14.76
CA ASP D 83 13.70 42.55 -15.59
C ASP D 83 13.97 41.44 -14.59
N VAL D 84 13.38 40.27 -14.80
CA VAL D 84 13.58 39.15 -13.90
C VAL D 84 14.16 37.95 -14.64
N PHE D 85 15.09 37.26 -14.00
CA PHE D 85 15.72 36.09 -14.61
C PHE D 85 16.34 35.26 -13.50
N GLY D 86 16.02 33.97 -13.49
CA GLY D 86 16.58 33.11 -12.45
C GLY D 86 16.08 31.68 -12.43
N ALA D 87 16.82 30.84 -11.70
CA ALA D 87 16.52 29.43 -11.53
C ALA D 87 15.45 29.34 -10.45
N ASN D 88 14.28 28.86 -10.81
CA ASN D 88 13.17 28.73 -9.88
C ASN D 88 12.94 27.31 -9.39
N TYR D 89 12.07 27.17 -8.38
CA TYR D 89 11.73 25.88 -7.78
C TYR D 89 10.22 25.83 -7.42
N TYR D 90 9.72 24.64 -7.09
CA TYR D 90 8.32 24.50 -6.76
C TYR D 90 8.09 23.86 -5.41
N TYR D 91 8.80 22.78 -5.13
CA TYR D 91 8.67 22.05 -3.86
C TYR D 91 8.24 22.85 -2.63
N GLN D 92 9.14 23.62 -2.04
CA GLN D 92 8.75 24.38 -0.86
C GLN D 92 8.35 25.82 -1.17
N CYS D 93 7.81 26.03 -2.35
CA CYS D 93 7.38 27.34 -2.80
C CYS D 93 6.02 27.69 -2.19
N TYR D 94 6.04 28.11 -0.93
CA TYR D 94 4.82 28.48 -0.23
C TYR D 94 4.65 29.98 -0.32
N PHE D 95 3.48 30.46 -0.72
CA PHE D 95 3.27 31.90 -0.78
C PHE D 95 1.81 32.32 -0.88
N SER D 96 1.53 33.55 -0.43
CA SER D 96 0.19 34.10 -0.44
C SER D 96 -0.83 33.03 0.00
N LYS D 97 -1.85 32.81 -0.82
CA LYS D 97 -2.93 31.83 -0.59
C LYS D 97 -4.25 32.34 -1.20
N LYS D 98 -4.46 33.66 -1.11
CA LYS D 98 -5.65 34.35 -1.64
C LYS D 98 -5.76 35.67 -0.87
N THR D 99 -5.95 36.78 -1.57
CA THR D 99 -6.04 38.09 -0.89
C THR D 99 -7.18 38.18 0.13
N SER D 104 -1.21 40.01 3.08
CA SER D 104 -0.76 40.47 1.72
C SER D 104 -0.79 39.31 0.74
N HIS D 105 -1.97 39.00 0.21
CA HIS D 105 -2.08 37.89 -0.74
C HIS D 105 -2.71 38.22 -2.09
N GLN D 106 -2.62 37.25 -3.00
CA GLN D 106 -3.13 37.32 -4.38
C GLN D 106 -2.65 35.98 -4.95
N THR D 107 -2.81 35.79 -6.25
CA THR D 107 -2.37 34.56 -6.92
C THR D 107 -3.39 33.42 -7.02
N ASP D 108 -3.92 33.23 -8.22
CA ASP D 108 -4.89 32.20 -8.53
C ASP D 108 -4.32 31.26 -9.57
N LYS D 109 -4.07 30.03 -9.16
CA LYS D 109 -3.55 29.00 -10.05
C LYS D 109 -2.08 29.17 -10.51
N ARG D 110 -1.39 28.04 -10.70
CA ARG D 110 0.01 27.98 -11.13
C ARG D 110 0.98 29.03 -10.58
N LYS D 111 1.98 28.59 -9.82
CA LYS D 111 2.94 29.50 -9.26
C LYS D 111 4.30 28.85 -8.95
N THR D 112 5.36 29.65 -8.96
CA THR D 112 6.71 29.17 -8.69
C THR D 112 7.46 30.20 -7.86
N CYS D 113 8.64 29.84 -7.35
CA CYS D 113 9.45 30.74 -6.52
C CYS D 113 10.92 30.81 -6.92
N MET D 114 11.55 31.94 -6.62
CA MET D 114 12.97 32.17 -6.92
C MET D 114 13.56 33.23 -5.98
N TYR D 115 14.83 33.55 -6.16
CA TYR D 115 15.49 34.55 -5.33
C TYR D 115 16.27 35.55 -6.16
N GLY D 116 16.28 36.81 -5.72
CA GLY D 116 16.98 37.85 -6.43
C GLY D 116 16.62 37.86 -7.89
N GLY D 117 17.64 38.01 -8.75
CA GLY D 117 17.42 38.05 -10.19
C GLY D 117 16.66 39.24 -10.73
N VAL D 118 16.64 40.34 -9.96
CA VAL D 118 15.93 41.54 -10.37
C VAL D 118 16.89 42.66 -10.78
N THR D 119 16.61 43.29 -11.92
CA THR D 119 17.42 44.40 -12.46
C THR D 119 16.52 45.42 -13.19
N GLU D 120 16.82 46.71 -13.05
CA GLU D 120 16.01 47.73 -13.73
C GLU D 120 16.03 47.58 -15.24
N HIS D 121 14.92 47.92 -15.87
CA HIS D 121 14.81 47.82 -17.31
C HIS D 121 15.44 49.00 -18.05
N ASN D 122 14.92 50.20 -17.79
CA ASN D 122 15.45 51.41 -18.45
C ASN D 122 16.86 51.78 -18.04
N GLY D 123 17.63 52.20 -19.03
CA GLY D 123 19.01 52.61 -18.81
C GLY D 123 19.93 51.44 -18.51
N ASN D 124 19.44 50.21 -18.70
CA ASN D 124 20.26 49.04 -18.44
C ASN D 124 20.33 48.15 -19.68
N GLN D 125 19.56 48.49 -20.69
CA GLN D 125 19.52 47.73 -21.93
C GLN D 125 20.71 48.06 -22.83
N LEU D 126 21.06 47.14 -23.72
CA LEU D 126 22.17 47.32 -24.64
C LEU D 126 21.70 46.93 -26.04
N ASP D 127 22.18 47.65 -27.05
CA ASP D 127 21.82 47.36 -28.44
C ASP D 127 22.35 45.99 -28.84
N LYS D 128 23.67 45.82 -28.75
CA LYS D 128 24.30 44.56 -29.10
C LYS D 128 24.49 43.68 -27.88
N TYR D 129 24.27 42.38 -28.07
CA TYR D 129 24.41 41.41 -26.99
C TYR D 129 25.86 41.23 -26.55
N ARG D 130 26.12 41.53 -25.27
CA ARG D 130 27.47 41.40 -24.70
C ARG D 130 27.89 39.92 -24.75
N SER D 131 29.17 39.66 -24.62
CA SER D 131 29.65 38.30 -24.67
C SER D 131 30.81 38.13 -23.67
N ILE D 132 30.49 37.63 -22.48
CA ILE D 132 31.49 37.42 -21.43
C ILE D 132 32.15 36.07 -21.72
N THR D 133 33.33 35.83 -21.20
CA THR D 133 34.03 34.57 -21.44
C THR D 133 34.23 33.75 -20.16
N VAL D 134 33.98 32.45 -20.28
CA VAL D 134 34.12 31.52 -19.17
C VAL D 134 35.35 30.63 -19.37
N ARG D 135 36.22 30.62 -18.37
CA ARG D 135 37.44 29.83 -18.39
C ARG D 135 37.30 28.70 -17.39
N VAL D 136 36.97 27.52 -17.89
CA VAL D 136 36.80 26.36 -17.03
C VAL D 136 38.06 25.49 -17.00
N PHE D 137 38.57 25.29 -15.80
CA PHE D 137 39.77 24.50 -15.57
C PHE D 137 39.35 23.18 -14.94
N GLU D 138 39.86 22.09 -15.49
CA GLU D 138 39.56 20.75 -14.98
C GLU D 138 40.87 20.21 -14.46
N ASP D 139 41.07 20.38 -13.15
CA ASP D 139 42.27 19.97 -12.44
C ASP D 139 43.38 20.93 -12.83
N GLY D 140 42.99 22.20 -12.96
CA GLY D 140 43.92 23.25 -13.33
C GLY D 140 44.06 23.39 -14.83
N LYS D 141 44.03 22.26 -15.52
CA LYS D 141 44.16 22.22 -16.98
C LYS D 141 42.98 22.91 -17.65
N ASN D 142 43.19 24.16 -18.10
CA ASN D 142 42.16 24.96 -18.77
C ASN D 142 41.95 24.41 -20.18
N LEU D 143 41.17 23.33 -20.26
CA LEU D 143 40.90 22.69 -21.53
C LEU D 143 39.68 23.30 -22.24
N LEU D 144 38.74 23.81 -21.45
CA LEU D 144 37.51 24.40 -21.98
C LEU D 144 37.30 25.88 -21.70
N SER D 145 36.70 26.56 -22.68
CA SER D 145 36.39 27.97 -22.59
C SER D 145 35.26 28.24 -23.57
N PHE D 146 34.33 29.11 -23.17
CA PHE D 146 33.19 29.45 -24.02
C PHE D 146 32.64 30.82 -23.62
N ASP D 147 31.79 31.38 -24.46
CA ASP D 147 31.20 32.69 -24.18
C ASP D 147 29.75 32.63 -23.69
N VAL D 148 29.42 33.60 -22.85
CA VAL D 148 28.10 33.73 -22.26
C VAL D 148 27.58 35.13 -22.64
N GLN D 149 26.51 35.17 -23.43
CA GLN D 149 25.94 36.43 -23.87
C GLN D 149 25.00 37.06 -22.84
N THR D 150 24.58 38.29 -23.12
CA THR D 150 23.67 39.06 -22.27
C THR D 150 23.51 40.44 -22.92
N ASN D 151 22.64 41.28 -22.38
CA ASN D 151 22.44 42.63 -22.94
C ASN D 151 22.05 43.63 -21.86
N LYS D 152 22.48 43.34 -20.63
CA LYS D 152 22.20 44.19 -19.49
C LYS D 152 23.53 44.77 -19.06
N LYS D 153 23.52 45.99 -18.56
CA LYS D 153 24.74 46.65 -18.10
C LYS D 153 25.15 46.07 -16.75
N LYS D 154 24.20 46.05 -15.81
CA LYS D 154 24.45 45.53 -14.47
C LYS D 154 23.72 44.18 -14.36
N VAL D 155 24.34 43.12 -14.85
CA VAL D 155 23.73 41.79 -14.82
C VAL D 155 24.03 41.04 -13.52
N THR D 156 23.00 40.42 -12.94
CA THR D 156 23.14 39.67 -11.71
C THR D 156 24.03 38.43 -11.89
N ALA D 157 24.72 38.03 -10.82
CA ALA D 157 25.59 36.87 -10.86
C ALA D 157 24.78 35.61 -11.14
N GLN D 158 23.55 35.57 -10.63
CA GLN D 158 22.64 34.45 -10.81
C GLN D 158 22.42 34.11 -12.28
N GLU D 159 22.10 35.13 -13.07
CA GLU D 159 21.86 34.95 -14.50
C GLU D 159 23.09 34.39 -15.19
N LEU D 160 24.26 34.80 -14.75
CA LEU D 160 25.50 34.30 -15.36
C LEU D 160 25.78 32.87 -14.89
N ASP D 161 25.53 32.62 -13.61
CA ASP D 161 25.75 31.30 -13.01
C ASP D 161 24.88 30.27 -13.75
N TYR D 162 23.60 30.61 -13.95
CA TYR D 162 22.69 29.73 -14.67
C TYR D 162 23.20 29.48 -16.09
N LEU D 163 23.51 30.58 -16.78
CA LEU D 163 24.02 30.54 -18.15
C LEU D 163 25.29 29.71 -18.29
N THR D 164 26.19 29.83 -17.31
CA THR D 164 27.43 29.09 -17.33
C THR D 164 27.22 27.60 -17.05
N ARG D 165 26.57 27.30 -15.93
CA ARG D 165 26.32 25.90 -15.57
C ARG D 165 25.50 25.19 -16.65
N HIS D 166 24.56 25.89 -17.25
CA HIS D 166 23.72 25.32 -18.29
C HIS D 166 24.56 24.69 -19.40
N TYR D 167 25.56 25.44 -19.85
CA TYR D 167 26.46 24.98 -20.90
C TYR D 167 27.15 23.70 -20.44
N LEU D 168 27.69 23.73 -19.23
CA LEU D 168 28.38 22.59 -18.64
C LEU D 168 27.52 21.34 -18.52
N VAL D 169 26.25 21.51 -18.17
CA VAL D 169 25.35 20.37 -18.02
C VAL D 169 25.13 19.64 -19.34
N LYS D 170 24.90 20.41 -20.40
CA LYS D 170 24.65 19.82 -21.71
C LYS D 170 25.89 19.31 -22.43
N ASN D 171 27.01 19.98 -22.25
CA ASN D 171 28.24 19.59 -22.92
C ASN D 171 29.25 18.82 -22.07
N LYS D 172 29.27 19.08 -20.77
CA LYS D 172 30.22 18.40 -19.88
C LYS D 172 29.59 17.47 -18.84
N LYS D 173 28.28 17.24 -18.94
CA LYS D 173 27.55 16.38 -18.01
C LYS D 173 27.83 16.77 -16.57
N LEU D 174 27.87 18.09 -16.35
CA LEU D 174 28.13 18.66 -15.04
C LEU D 174 27.27 17.98 -13.98
N TYR D 175 25.98 17.91 -14.23
CA TYR D 175 25.06 17.28 -13.31
C TYR D 175 24.33 16.16 -14.03
N GLU D 176 24.18 15.04 -13.36
CA GLU D 176 23.50 13.90 -13.95
C GLU D 176 22.36 13.51 -13.02
N PHE D 177 21.55 12.53 -13.43
CA PHE D 177 20.43 12.10 -12.64
C PHE D 177 20.78 11.80 -11.19
N ASN D 178 21.76 10.93 -10.99
CA ASN D 178 22.19 10.54 -9.65
C ASN D 178 23.43 11.26 -9.10
N ASN D 179 24.41 11.56 -9.95
CA ASN D 179 25.60 12.25 -9.47
C ASN D 179 26.28 13.13 -10.53
N SER D 180 27.60 13.26 -10.42
CA SER D 180 28.37 14.07 -11.35
C SER D 180 29.75 13.46 -11.60
N PRO D 181 30.36 13.79 -12.75
CA PRO D 181 31.67 13.30 -13.15
C PRO D 181 32.78 14.06 -12.40
N TYR D 182 32.37 15.12 -11.69
CA TYR D 182 33.29 15.95 -10.93
C TYR D 182 33.17 15.77 -9.45
N GLU D 183 34.30 15.83 -8.77
CA GLU D 183 34.34 15.69 -7.33
C GLU D 183 33.99 17.03 -6.69
N THR D 184 34.68 18.09 -7.12
CA THR D 184 34.43 19.43 -6.59
C THR D 184 34.31 20.42 -7.74
N GLY D 185 33.70 21.57 -7.44
CA GLY D 185 33.53 22.60 -8.44
C GLY D 185 33.00 23.88 -7.84
N TYR D 186 33.51 25.01 -8.31
CA TYR D 186 33.10 26.32 -7.85
C TYR D 186 33.29 27.33 -8.97
N ILE D 187 32.35 28.27 -9.09
CA ILE D 187 32.42 29.28 -10.12
C ILE D 187 32.87 30.61 -9.50
N LYS D 188 33.93 31.16 -10.06
CA LYS D 188 34.51 32.41 -9.58
C LYS D 188 34.17 33.62 -10.46
N PHE D 189 33.48 34.59 -9.86
CA PHE D 189 33.10 35.81 -10.56
C PHE D 189 34.07 36.90 -10.15
N ILE D 190 34.87 37.35 -11.11
CA ILE D 190 35.87 38.39 -10.85
C ILE D 190 35.52 39.66 -11.63
N GLU D 191 35.44 40.78 -10.93
CA GLU D 191 35.12 42.07 -11.55
C GLU D 191 36.39 42.85 -11.89
N ASN D 192 36.90 43.57 -10.89
CA ASN D 192 38.11 44.38 -11.01
C ASN D 192 39.19 43.63 -10.23
N GLU D 193 39.27 43.94 -8.93
CA GLU D 193 40.23 43.30 -8.04
C GLU D 193 39.37 42.41 -7.13
N ASN D 194 38.11 42.77 -7.04
CA ASN D 194 37.12 42.06 -6.24
C ASN D 194 36.65 40.77 -6.93
N SER D 195 36.49 39.70 -6.15
CA SER D 195 36.05 38.41 -6.68
C SER D 195 35.22 37.70 -5.63
N PHE D 196 34.25 36.94 -6.10
CA PHE D 196 33.37 36.16 -5.22
C PHE D 196 33.10 34.83 -5.93
N TRP D 197 32.90 33.78 -5.15
CA TRP D 197 32.66 32.47 -5.73
C TRP D 197 31.48 31.72 -5.11
N TYR D 198 31.01 30.69 -5.81
CA TYR D 198 29.89 29.87 -5.37
C TYR D 198 30.23 28.39 -5.52
N ASP D 199 29.83 27.59 -4.53
CA ASP D 199 30.08 26.14 -4.55
C ASP D 199 28.99 25.57 -5.44
N MET D 200 29.40 24.82 -6.47
CA MET D 200 28.49 24.19 -7.43
C MET D 200 27.94 22.80 -7.00
N MET D 201 28.55 22.19 -6.00
CA MET D 201 28.11 20.87 -5.54
C MET D 201 27.25 20.94 -4.28
N PRO D 202 26.29 20.02 -4.16
CA PRO D 202 25.38 19.95 -3.01
C PRO D 202 26.06 19.57 -1.68
N ALA D 203 25.41 19.92 -0.58
CA ALA D 203 25.92 19.62 0.74
C ALA D 203 25.85 18.11 0.98
N PRO D 204 26.63 17.59 1.95
CA PRO D 204 26.66 16.17 2.29
C PRO D 204 25.30 15.69 2.79
N GLY D 205 24.97 14.44 2.50
CA GLY D 205 23.71 13.89 2.92
C GLY D 205 23.00 13.11 1.83
N ASP D 206 21.75 12.75 2.09
CA ASP D 206 20.96 11.99 1.14
C ASP D 206 19.77 12.76 0.60
N LYS D 207 19.77 14.08 0.80
CA LYS D 207 18.68 14.93 0.33
C LYS D 207 19.14 16.34 0.00
N PHE D 208 18.63 16.87 -1.12
CA PHE D 208 18.99 18.21 -1.56
C PHE D 208 17.80 19.15 -1.53
N ASP D 209 17.99 20.30 -0.89
CA ASP D 209 16.93 21.30 -0.78
C ASP D 209 17.18 22.39 -1.80
N GLN D 210 16.38 22.41 -2.86
CA GLN D 210 16.50 23.39 -3.92
C GLN D 210 16.27 24.80 -3.40
N SER D 211 15.32 24.93 -2.46
CA SER D 211 14.96 26.21 -1.84
C SER D 211 16.14 26.87 -1.07
N LYS D 212 16.78 26.09 -0.20
CA LYS D 212 17.91 26.59 0.59
C LYS D 212 19.15 26.86 -0.24
N TYR D 213 19.37 26.08 -1.29
CA TYR D 213 20.52 26.26 -2.15
C TYR D 213 20.39 27.59 -2.89
N LEU D 214 19.24 27.78 -3.53
CA LEU D 214 18.94 28.98 -4.29
C LEU D 214 18.92 30.24 -3.46
N MET D 215 18.61 30.11 -2.18
CA MET D 215 18.56 31.24 -1.28
C MET D 215 19.87 32.04 -1.31
N MET D 216 20.94 31.43 -1.85
CA MET D 216 22.25 32.11 -1.94
C MET D 216 22.19 33.27 -2.94
N TYR D 217 21.09 33.35 -3.68
CA TYR D 217 20.89 34.40 -4.67
C TYR D 217 20.01 35.55 -4.18
N ASN D 218 19.54 35.46 -2.94
CA ASN D 218 18.67 36.50 -2.38
C ASN D 218 19.32 37.87 -2.19
N ASP D 219 20.64 37.95 -2.26
CA ASP D 219 21.33 39.23 -2.10
C ASP D 219 21.16 40.11 -3.34
N ASN D 220 20.66 39.51 -4.42
CA ASN D 220 20.42 40.20 -5.67
C ASN D 220 21.72 40.85 -6.16
N LYS D 221 22.83 40.15 -5.95
CA LYS D 221 24.15 40.65 -6.36
C LYS D 221 24.30 40.83 -7.87
N MET D 222 24.57 42.06 -8.26
CA MET D 222 24.77 42.44 -9.65
C MET D 222 26.25 42.55 -10.01
N VAL D 223 26.53 42.43 -11.29
CA VAL D 223 27.89 42.50 -11.78
C VAL D 223 27.89 43.34 -13.06
N ASP D 224 28.98 44.05 -13.31
CA ASP D 224 29.10 44.89 -14.50
C ASP D 224 29.48 44.00 -15.66
N SER D 225 28.58 43.88 -16.64
CA SER D 225 28.80 43.05 -17.82
C SER D 225 30.08 43.35 -18.63
N LYS D 226 30.74 44.47 -18.37
CA LYS D 226 31.96 44.79 -19.09
C LYS D 226 33.18 44.47 -18.24
N ASP D 227 32.99 44.47 -16.92
CA ASP D 227 34.09 44.18 -15.99
C ASP D 227 33.92 42.84 -15.31
N VAL D 228 33.60 41.80 -16.07
CA VAL D 228 33.42 40.47 -15.48
C VAL D 228 34.09 39.31 -16.18
N LYS D 229 34.94 38.64 -15.43
CA LYS D 229 35.67 37.48 -15.90
C LYS D 229 35.18 36.32 -15.04
N ILE D 230 34.62 35.32 -15.70
CA ILE D 230 34.10 34.14 -15.02
C ILE D 230 35.05 32.98 -15.23
N GLU D 231 35.32 32.25 -14.16
CA GLU D 231 36.23 31.11 -14.19
C GLU D 231 35.64 29.95 -13.38
N VAL D 232 35.53 28.78 -14.01
CA VAL D 232 34.98 27.60 -13.34
C VAL D 232 36.08 26.56 -13.09
N TYR D 233 36.27 26.19 -11.83
CA TYR D 233 37.28 25.20 -11.44
C TYR D 233 36.66 23.88 -10.99
N LEU D 234 36.97 22.81 -11.74
CA LEU D 234 36.44 21.49 -11.46
C LEU D 234 37.54 20.43 -11.26
N THR D 235 37.28 19.47 -10.38
CA THR D 235 38.20 18.39 -10.09
C THR D 235 37.48 17.13 -10.57
N THR D 236 38.14 16.28 -11.34
CA THR D 236 37.49 15.07 -11.83
C THR D 236 37.46 13.90 -10.84
N LYS D 237 36.69 12.87 -11.16
CA LYS D 237 36.58 11.68 -10.32
C LYS D 237 37.73 10.75 -10.65
N LYS D 238 38.52 10.40 -9.65
CA LYS D 238 39.67 9.52 -9.84
C LYS D 238 39.22 8.07 -10.02
N LYS D 239 38.76 7.73 -11.22
CA LYS D 239 38.31 6.38 -11.52
C LYS D 239 39.52 5.45 -11.70
#